data_4OUG
#
_entry.id   4OUG
#
_cell.length_a   88.400
_cell.length_b   101.439
_cell.length_c   162.180
_cell.angle_alpha   90.00
_cell.angle_beta   90.00
_cell.angle_gamma   90.00
#
_symmetry.space_group_name_H-M   'I 2 2 2'
#
loop_
_entity.id
_entity.type
_entity.pdbx_description
1 polymer 'Peptidoglycan recognition protein 1'
2 non-polymer 'PALMITIC ACID'
3 non-polymer 'L(+)-TARTARIC ACID'
4 non-polymer GLYCEROL
5 non-polymer '(R)-((2R,3S,4R,5R,6R)-3-HYDROXY-2-(HYDROXYMETHYL)-5-((R)-3-HYDROXYTETRADECANAMIDO)-6-(PHOSPHONOOXY)TETRAHYDRO-2H-PYRAN-4-YL) 3-HYDROXYTETRADECANOATE'
6 water water
#
_entity_poly.entity_id   1
_entity_poly.type   'polypeptide(L)'
_entity_poly.pdbx_seq_one_letter_code
;EDPPACGSIVPRREWRALASECRERLTRPVRYVVVSHTAGSHCDTPASCAQQAQNVQSYHVRNLGWCDVGYNFLIGEDGL
VYEGRGWNIKGAHAGPTWNPISIGISFMGNYMNRVPPPRALRAAQNLLACGVALGALRSNYEVKGHRDVQPTLSPGDRLY
EIIQTWSHYRA
;
_entity_poly.pdbx_strand_id   A,B,C,D
#
# COMPACT_ATOMS: atom_id res chain seq x y z
N GLU A 1 3.30 -16.37 14.34
CA GLU A 1 2.92 -14.99 13.91
C GLU A 1 1.70 -15.02 13.02
N ASP A 2 1.96 -15.20 11.73
CA ASP A 2 0.94 -15.22 10.69
C ASP A 2 1.43 -16.45 9.98
N PRO A 3 1.14 -17.62 10.57
CA PRO A 3 1.44 -18.94 10.01
C PRO A 3 1.38 -19.31 8.51
N PRO A 4 0.16 -19.36 7.90
CA PRO A 4 0.09 -19.76 6.47
C PRO A 4 1.19 -19.27 5.54
N ALA A 5 1.87 -20.20 4.88
CA ALA A 5 2.97 -19.90 3.96
C ALA A 5 2.48 -19.11 2.75
N CYS A 6 3.32 -18.23 2.22
CA CYS A 6 2.85 -17.27 1.24
C CYS A 6 3.41 -17.35 -0.17
N GLY A 7 2.50 -17.29 -1.14
CA GLY A 7 2.88 -17.29 -2.54
C GLY A 7 3.79 -18.38 -3.04
N SER A 8 3.99 -18.37 -4.36
CA SER A 8 4.84 -19.34 -5.03
C SER A 8 6.22 -18.73 -5.22
N ILE A 9 7.20 -19.33 -4.59
CA ILE A 9 8.59 -18.96 -4.67
C ILE A 9 9.37 -20.23 -5.02
N VAL A 10 10.26 -20.14 -5.98
CA VAL A 10 11.12 -21.28 -6.34
C VAL A 10 12.16 -21.31 -5.21
N PRO A 11 12.20 -22.41 -4.42
CA PRO A 11 13.18 -22.45 -3.32
C PRO A 11 14.62 -22.70 -3.77
N ARG A 12 15.57 -22.42 -2.88
CA ARG A 12 17.00 -22.59 -3.17
C ARG A 12 17.32 -23.97 -3.77
N ARG A 13 16.97 -25.01 -3.02
CA ARG A 13 17.24 -26.37 -3.45
C ARG A 13 16.88 -26.59 -4.91
N GLU A 14 15.73 -26.06 -5.32
CA GLU A 14 15.23 -26.24 -6.68
C GLU A 14 16.02 -25.57 -7.79
N TRP A 15 16.56 -24.37 -7.59
CA TRP A 15 17.37 -23.81 -8.68
C TRP A 15 18.84 -24.21 -8.48
N ARG A 16 19.03 -25.17 -7.60
CA ARG A 16 20.30 -25.76 -7.30
C ARG A 16 21.36 -24.85 -6.72
N ALA A 17 21.01 -24.05 -5.75
CA ALA A 17 21.95 -23.05 -5.23
C ALA A 17 22.94 -23.57 -4.21
N LEU A 18 24.14 -23.02 -4.26
CA LEU A 18 25.15 -23.40 -3.30
C LEU A 18 24.59 -23.02 -1.94
N ALA A 19 25.04 -23.69 -0.87
CA ALA A 19 24.55 -23.39 0.46
C ALA A 19 25.02 -22.01 0.90
N SER A 20 24.14 -21.25 1.51
CA SER A 20 24.48 -19.92 1.98
C SER A 20 25.37 -19.94 3.22
N GLU A 21 26.33 -19.01 3.26
CA GLU A 21 27.22 -18.88 4.40
C GLU A 21 26.93 -17.55 5.12
N CYS A 22 25.78 -16.93 4.81
CA CYS A 22 25.38 -15.66 5.42
C CYS A 22 24.74 -15.88 6.80
N ARG A 23 24.99 -14.95 7.73
CA ARG A 23 24.43 -15.06 9.06
C ARG A 23 23.76 -13.79 9.62
N GLU A 24 24.18 -12.61 9.17
CA GLU A 24 23.60 -11.36 9.65
C GLU A 24 22.12 -11.21 9.24
N ARG A 25 21.22 -11.26 10.22
CA ARG A 25 19.78 -11.15 9.96
C ARG A 25 19.28 -9.72 9.82
N LEU A 26 18.05 -9.58 9.35
CA LEU A 26 17.41 -8.27 9.21
C LEU A 26 16.43 -8.18 10.36
N THR A 27 16.02 -6.96 10.70
CA THR A 27 15.05 -6.78 11.76
C THR A 27 13.68 -6.64 11.13
N ARG A 28 12.81 -7.60 11.41
CA ARG A 28 11.46 -7.56 10.89
C ARG A 28 10.73 -6.55 11.77
N PRO A 29 9.78 -5.78 11.20
CA PRO A 29 9.43 -5.80 9.78
C PRO A 29 10.30 -4.76 9.07
N VAL A 30 10.73 -5.10 7.87
CA VAL A 30 11.59 -4.22 7.08
C VAL A 30 10.77 -3.13 6.38
N ARG A 31 11.33 -1.93 6.32
CA ARG A 31 10.64 -0.78 5.74
C ARG A 31 10.91 -0.49 4.27
N TYR A 32 12.03 -0.94 3.73
CA TYR A 32 12.34 -0.66 2.32
C TYR A 32 12.59 -1.87 1.46
N VAL A 33 12.24 -1.73 0.18
CA VAL A 33 12.46 -2.76 -0.81
C VAL A 33 13.19 -2.02 -1.90
N VAL A 34 14.35 -2.51 -2.29
CA VAL A 34 15.10 -1.85 -3.33
C VAL A 34 15.10 -2.72 -4.57
N VAL A 35 14.65 -2.16 -5.69
CA VAL A 35 14.54 -2.90 -6.96
C VAL A 35 15.72 -2.65 -7.89
N SER A 36 16.30 -3.72 -8.40
CA SER A 36 17.44 -3.66 -9.32
C SER A 36 17.31 -4.66 -10.45
N HIS A 37 18.23 -4.58 -11.41
CA HIS A 37 18.25 -5.56 -12.48
C HIS A 37 19.65 -6.14 -12.39
N THR A 38 19.86 -7.31 -12.99
CA THR A 38 21.18 -7.93 -12.95
C THR A 38 22.05 -7.47 -14.09
N ALA A 39 21.44 -6.85 -15.09
CA ALA A 39 22.21 -6.33 -16.20
C ALA A 39 22.92 -7.54 -16.76
N GLY A 40 22.31 -8.71 -16.58
CA GLY A 40 22.89 -9.93 -17.10
C GLY A 40 21.96 -10.48 -18.15
N SER A 41 22.24 -11.68 -18.65
CA SER A 41 21.41 -12.29 -19.68
C SER A 41 20.03 -12.59 -19.11
N HIS A 42 18.97 -12.35 -19.87
CA HIS A 42 17.63 -12.65 -19.36
C HIS A 42 17.26 -14.10 -19.66
N CYS A 43 16.17 -14.57 -19.07
CA CYS A 43 15.74 -15.96 -19.26
C CYS A 43 14.22 -15.98 -19.23
N ASP A 44 13.58 -16.82 -20.03
CA ASP A 44 12.11 -16.88 -20.02
C ASP A 44 11.46 -18.23 -19.83
N THR A 45 12.16 -19.15 -19.22
CA THR A 45 11.64 -20.49 -18.98
C THR A 45 12.13 -20.91 -17.62
N PRO A 46 11.37 -21.75 -16.90
CA PRO A 46 11.83 -22.18 -15.58
C PRO A 46 13.22 -22.77 -15.69
N ALA A 47 13.42 -23.51 -16.77
CA ALA A 47 14.69 -24.17 -17.03
C ALA A 47 15.85 -23.20 -17.16
N SER A 48 15.69 -22.22 -18.05
CA SER A 48 16.73 -21.24 -18.31
C SER A 48 16.93 -20.25 -17.17
N CYS A 49 15.86 -19.94 -16.45
CA CYS A 49 15.97 -19.00 -15.35
C CYS A 49 16.68 -19.60 -14.14
N ALA A 50 16.48 -20.89 -13.89
CA ALA A 50 17.16 -21.52 -12.77
C ALA A 50 18.67 -21.41 -13.01
N GLN A 51 19.07 -21.69 -14.25
CA GLN A 51 20.48 -21.61 -14.59
C GLN A 51 21.00 -20.21 -14.32
N GLN A 52 20.25 -19.20 -14.78
CA GLN A 52 20.66 -17.80 -14.61
C GLN A 52 20.83 -17.36 -13.16
N ALA A 53 19.88 -17.76 -12.31
CA ALA A 53 19.94 -17.40 -10.90
C ALA A 53 21.23 -18.00 -10.36
N GLN A 54 21.54 -19.20 -10.82
CA GLN A 54 22.73 -19.91 -10.42
C GLN A 54 23.97 -19.12 -10.90
N ASN A 55 23.91 -18.63 -12.15
CA ASN A 55 25.03 -17.89 -12.68
C ASN A 55 25.25 -16.65 -11.86
N VAL A 56 24.16 -16.03 -11.44
CA VAL A 56 24.28 -14.81 -10.66
C VAL A 56 24.84 -15.12 -9.28
N GLN A 57 24.27 -16.11 -8.61
CA GLN A 57 24.77 -16.49 -7.29
C GLN A 57 26.26 -16.79 -7.40
N SER A 58 26.58 -17.69 -8.32
CA SER A 58 27.94 -18.12 -8.59
C SER A 58 28.88 -16.93 -8.65
N TYR A 59 28.56 -16.00 -9.54
CA TYR A 59 29.38 -14.82 -9.74
C TYR A 59 29.57 -14.00 -8.46
N HIS A 60 28.58 -14.02 -7.58
CA HIS A 60 28.65 -13.26 -6.33
C HIS A 60 29.51 -13.94 -5.29
N VAL A 61 29.34 -15.25 -5.17
CA VAL A 61 30.10 -16.04 -4.19
C VAL A 61 31.54 -16.29 -4.67
N ARG A 62 31.67 -16.94 -5.83
CA ARG A 62 32.97 -17.26 -6.39
C ARG A 62 33.84 -16.07 -6.79
N ASN A 63 33.27 -15.04 -7.41
CA ASN A 63 34.07 -13.90 -7.85
C ASN A 63 34.14 -12.66 -6.97
N LEU A 64 33.06 -12.35 -6.26
CA LEU A 64 33.05 -11.19 -5.39
C LEU A 64 33.23 -11.64 -3.95
N GLY A 65 33.25 -12.96 -3.77
CA GLY A 65 33.43 -13.54 -2.44
C GLY A 65 32.39 -13.20 -1.38
N TRP A 66 31.12 -13.23 -1.75
CA TRP A 66 30.07 -12.95 -0.78
C TRP A 66 29.55 -14.23 -0.17
N CYS A 67 28.85 -14.11 0.95
CA CYS A 67 28.32 -15.27 1.65
C CYS A 67 27.21 -15.97 0.90
N ASP A 68 26.64 -15.27 -0.07
CA ASP A 68 25.52 -15.79 -0.84
C ASP A 68 25.19 -14.89 -1.98
N VAL A 69 24.23 -15.29 -2.82
CA VAL A 69 23.75 -14.40 -3.86
C VAL A 69 23.35 -13.09 -3.14
N GLY A 70 23.76 -11.97 -3.71
CA GLY A 70 23.48 -10.66 -3.10
C GLY A 70 22.05 -10.25 -2.88
N TYR A 71 21.15 -10.72 -3.75
CA TYR A 71 19.75 -10.36 -3.66
C TYR A 71 18.92 -11.24 -2.71
N ASN A 72 17.86 -10.68 -2.16
CA ASN A 72 17.01 -11.45 -1.26
C ASN A 72 16.10 -12.33 -2.10
N PHE A 73 15.75 -11.82 -3.29
CA PHE A 73 14.91 -12.53 -4.25
C PHE A 73 15.27 -12.07 -5.66
N LEU A 74 15.10 -12.97 -6.63
CA LEU A 74 15.33 -12.64 -8.02
C LEU A 74 14.04 -12.90 -8.78
N ILE A 75 13.78 -12.14 -9.81
CA ILE A 75 12.61 -12.36 -10.62
C ILE A 75 13.01 -12.77 -12.00
N GLY A 76 12.38 -13.80 -12.52
CA GLY A 76 12.68 -14.24 -13.87
C GLY A 76 11.60 -13.78 -14.84
N GLU A 77 11.93 -13.76 -16.13
CA GLU A 77 10.94 -13.38 -17.12
C GLU A 77 10.04 -14.58 -17.39
N ASP A 78 10.30 -15.67 -16.67
CA ASP A 78 9.48 -16.86 -16.83
C ASP A 78 8.27 -16.65 -15.93
N GLY A 79 8.28 -15.52 -15.21
CA GLY A 79 7.21 -15.17 -14.31
C GLY A 79 7.37 -15.83 -12.95
N LEU A 80 8.56 -16.33 -12.66
CA LEU A 80 8.77 -16.99 -11.37
C LEU A 80 9.70 -16.23 -10.43
N VAL A 81 9.44 -16.39 -9.13
CA VAL A 81 10.27 -15.76 -8.12
C VAL A 81 11.32 -16.76 -7.64
N TYR A 82 12.57 -16.33 -7.68
CA TYR A 82 13.66 -17.19 -7.28
C TYR A 82 14.19 -16.76 -5.93
N GLU A 83 14.15 -17.70 -4.98
CA GLU A 83 14.61 -17.44 -3.63
C GLU A 83 16.10 -17.26 -3.52
N GLY A 84 16.47 -16.23 -2.77
CA GLY A 84 17.86 -15.95 -2.51
C GLY A 84 18.07 -16.00 -1.01
N ARG A 85 18.53 -14.89 -0.46
CA ARG A 85 18.75 -14.83 0.97
C ARG A 85 17.42 -14.86 1.69
N GLY A 86 16.36 -14.52 0.97
CA GLY A 86 15.02 -14.53 1.51
C GLY A 86 14.68 -13.38 2.43
N TRP A 87 13.62 -13.55 3.21
CA TRP A 87 13.11 -12.51 4.08
C TRP A 87 13.92 -12.10 5.31
N ASN A 88 14.57 -13.05 5.97
CA ASN A 88 15.29 -12.77 7.21
C ASN A 88 16.77 -12.46 7.24
N ILE A 89 17.43 -12.47 6.11
CA ILE A 89 18.87 -12.32 6.04
C ILE A 89 19.37 -11.10 5.30
N LYS A 90 20.14 -10.26 5.94
CA LYS A 90 20.66 -9.05 5.28
C LYS A 90 21.33 -9.44 3.97
N GLY A 91 21.06 -8.71 2.90
CA GLY A 91 21.65 -9.03 1.62
C GLY A 91 22.77 -8.09 1.25
N ALA A 92 23.18 -8.12 0.00
CA ALA A 92 24.26 -7.35 -0.53
C ALA A 92 23.89 -6.80 -1.87
N HIS A 93 23.08 -5.78 -1.88
CA HIS A 93 22.59 -5.21 -3.12
C HIS A 93 22.68 -3.72 -3.26
N ALA A 94 22.73 -3.01 -2.17
CA ALA A 94 22.56 -1.56 -2.18
C ALA A 94 23.48 -0.72 -1.31
N GLY A 95 24.59 -1.25 -0.88
CA GLY A 95 25.49 -0.49 -0.03
C GLY A 95 25.28 -0.72 1.45
N PRO A 96 26.23 -0.26 2.29
CA PRO A 96 26.21 -0.39 3.76
C PRO A 96 25.09 0.39 4.42
N THR A 97 24.73 1.52 3.80
CA THR A 97 23.65 2.32 4.34
C THR A 97 22.33 1.59 4.16
N TRP A 98 22.12 1.02 2.97
CA TRP A 98 20.86 0.36 2.66
C TRP A 98 20.70 -1.14 2.85
N ASN A 99 21.77 -1.93 2.79
CA ASN A 99 21.62 -3.39 2.96
C ASN A 99 21.07 -3.85 4.32
N PRO A 100 21.31 -3.06 5.38
CA PRO A 100 20.79 -3.46 6.69
C PRO A 100 19.31 -3.12 6.89
N ILE A 101 18.77 -2.20 6.11
CA ILE A 101 17.39 -1.79 6.27
C ILE A 101 16.48 -2.06 5.09
N SER A 102 16.90 -2.88 4.13
CA SER A 102 16.03 -3.13 2.99
C SER A 102 16.02 -4.55 2.48
N ILE A 103 15.09 -4.84 1.59
CA ILE A 103 15.04 -6.08 0.86
C ILE A 103 15.46 -5.79 -0.55
N GLY A 104 16.27 -6.64 -1.12
CA GLY A 104 16.68 -6.43 -2.49
C GLY A 104 16.06 -7.43 -3.43
N ILE A 105 15.35 -6.92 -4.43
CA ILE A 105 14.71 -7.75 -5.44
C ILE A 105 15.39 -7.38 -6.76
N SER A 106 15.89 -8.38 -7.46
CA SER A 106 16.55 -8.09 -8.72
C SER A 106 15.86 -8.84 -9.85
N PHE A 107 15.69 -8.14 -10.97
CA PHE A 107 15.08 -8.73 -12.15
C PHE A 107 16.20 -9.23 -13.04
N MET A 108 16.21 -10.51 -13.36
CA MET A 108 17.27 -11.06 -14.18
C MET A 108 17.16 -10.60 -15.63
N GLY A 109 18.11 -9.76 -16.04
CA GLY A 109 18.12 -9.23 -17.39
C GLY A 109 18.66 -7.83 -17.35
N ASN A 110 18.64 -7.11 -18.46
CA ASN A 110 19.07 -5.72 -18.47
C ASN A 110 17.89 -4.95 -19.06
N TYR A 111 17.27 -4.12 -18.26
CA TYR A 111 16.07 -3.46 -18.66
C TYR A 111 16.26 -2.02 -19.05
N MET A 112 17.34 -1.75 -19.77
CA MET A 112 17.64 -0.42 -20.28
C MET A 112 16.83 -0.22 -21.56
N ASN A 113 16.81 -1.24 -22.40
CA ASN A 113 16.10 -1.21 -23.67
C ASN A 113 15.10 -2.35 -23.87
N ARG A 114 14.49 -2.80 -22.78
CA ARG A 114 13.52 -3.90 -22.80
C ARG A 114 12.73 -3.72 -21.54
N VAL A 115 11.45 -4.03 -21.58
CA VAL A 115 10.71 -3.95 -20.34
C VAL A 115 10.48 -5.38 -19.99
N PRO A 116 10.31 -5.66 -18.69
CA PRO A 116 10.08 -7.05 -18.34
C PRO A 116 8.60 -7.33 -18.58
N PRO A 117 8.28 -8.57 -18.97
CA PRO A 117 6.92 -9.02 -19.23
C PRO A 117 6.01 -8.89 -18.01
N PRO A 118 4.71 -8.70 -18.23
CA PRO A 118 3.74 -8.58 -17.14
C PRO A 118 3.83 -9.66 -16.10
N ARG A 119 4.13 -10.88 -16.53
CA ARG A 119 4.21 -11.96 -15.55
C ARG A 119 5.33 -11.70 -14.58
N ALA A 120 6.37 -11.01 -15.04
CA ALA A 120 7.49 -10.73 -14.18
C ALA A 120 7.04 -9.65 -13.20
N LEU A 121 6.56 -8.54 -13.73
CA LEU A 121 6.10 -7.47 -12.87
C LEU A 121 5.10 -8.00 -11.84
N ARG A 122 4.21 -8.88 -12.29
CA ARG A 122 3.19 -9.46 -11.42
C ARG A 122 3.81 -10.26 -10.28
N ALA A 123 4.78 -11.11 -10.60
CA ALA A 123 5.43 -11.92 -9.59
C ALA A 123 6.11 -11.03 -8.55
N ALA A 124 6.82 -10.01 -9.03
CA ALA A 124 7.51 -9.10 -8.15
C ALA A 124 6.51 -8.45 -7.20
N GLN A 125 5.38 -7.99 -7.73
CA GLN A 125 4.39 -7.33 -6.89
C GLN A 125 3.71 -8.30 -5.91
N ASN A 126 3.36 -9.49 -6.38
CA ASN A 126 2.72 -10.45 -5.49
C ASN A 126 3.66 -10.81 -4.34
N LEU A 127 4.96 -10.86 -4.63
CA LEU A 127 5.97 -11.19 -3.64
C LEU A 127 5.96 -10.18 -2.52
N LEU A 128 5.95 -8.90 -2.88
CA LEU A 128 5.94 -7.85 -1.89
C LEU A 128 4.72 -7.98 -0.98
N ALA A 129 3.58 -8.37 -1.54
CA ALA A 129 2.36 -8.54 -0.75
C ALA A 129 2.57 -9.69 0.21
N CYS A 130 3.27 -10.72 -0.26
CA CYS A 130 3.58 -11.88 0.55
C CYS A 130 4.38 -11.40 1.77
N GLY A 131 5.40 -10.59 1.50
CA GLY A 131 6.23 -10.07 2.56
C GLY A 131 5.41 -9.38 3.64
N VAL A 132 4.49 -8.52 3.21
CA VAL A 132 3.64 -7.81 4.15
C VAL A 132 2.85 -8.81 4.97
N ALA A 133 2.04 -9.61 4.30
CA ALA A 133 1.22 -10.61 4.96
C ALA A 133 2.00 -11.44 5.98
N LEU A 134 3.26 -11.72 5.67
CA LEU A 134 4.10 -12.49 6.57
C LEU A 134 4.60 -11.68 7.75
N GLY A 135 4.70 -10.37 7.56
CA GLY A 135 5.18 -9.50 8.61
C GLY A 135 6.67 -9.27 8.50
N ALA A 136 7.22 -9.58 7.34
CA ALA A 136 8.64 -9.39 7.07
C ALA A 136 8.82 -7.98 6.50
N LEU A 137 7.76 -7.47 5.89
CA LEU A 137 7.74 -6.13 5.33
C LEU A 137 6.69 -5.33 6.07
N ARG A 138 6.92 -4.05 6.29
CA ARG A 138 5.92 -3.15 6.83
C ARG A 138 4.77 -3.01 5.86
N SER A 139 3.55 -2.89 6.37
CA SER A 139 2.41 -2.76 5.49
C SER A 139 2.53 -1.48 4.67
N ASN A 140 3.30 -0.54 5.15
CA ASN A 140 3.54 0.74 4.50
C ASN A 140 4.88 0.82 3.82
N TYR A 141 5.42 -0.33 3.51
CA TYR A 141 6.76 -0.43 2.99
C TYR A 141 6.96 0.46 1.76
N GLU A 142 8.21 0.83 1.51
CA GLU A 142 8.53 1.73 0.43
C GLU A 142 9.45 1.02 -0.56
N VAL A 143 9.15 1.19 -1.84
CA VAL A 143 9.93 0.61 -2.93
C VAL A 143 10.81 1.72 -3.47
N LYS A 144 12.08 1.42 -3.74
CA LYS A 144 13.01 2.41 -4.29
C LYS A 144 13.73 1.75 -5.45
N GLY A 145 14.22 2.56 -6.38
CA GLY A 145 14.98 2.03 -7.48
C GLY A 145 16.41 1.95 -6.96
N HIS A 146 17.24 1.15 -7.60
CA HIS A 146 18.63 1.04 -7.17
C HIS A 146 19.33 2.37 -7.38
N ARG A 147 18.98 3.03 -8.48
CA ARG A 147 19.57 4.32 -8.80
C ARG A 147 19.19 5.41 -7.82
N ASP A 148 18.12 5.19 -7.05
CA ASP A 148 17.69 6.18 -6.06
C ASP A 148 18.51 6.08 -4.77
N VAL A 149 19.32 5.04 -4.64
CA VAL A 149 20.11 4.86 -3.41
C VAL A 149 21.60 4.68 -3.62
N GLN A 150 22.01 4.52 -4.86
CA GLN A 150 23.41 4.30 -5.21
C GLN A 150 23.55 4.94 -6.58
N PRO A 151 24.78 5.15 -7.03
CA PRO A 151 24.90 5.76 -8.36
C PRO A 151 25.04 4.65 -9.41
N THR A 152 23.91 4.28 -10.02
CA THR A 152 23.91 3.26 -11.04
C THR A 152 22.72 3.47 -11.94
N LEU A 153 22.74 2.77 -13.07
CA LEU A 153 21.65 2.86 -14.03
C LEU A 153 20.59 1.86 -13.56
N SER A 154 21.03 0.81 -12.88
CA SER A 154 20.10 -0.27 -12.55
C SER A 154 19.02 0.38 -11.72
N PRO A 155 17.77 -0.03 -11.92
CA PRO A 155 17.36 -1.29 -12.56
C PRO A 155 16.99 -1.12 -14.03
N GLY A 156 17.60 -0.17 -14.72
CA GLY A 156 17.30 0.04 -16.13
C GLY A 156 16.24 1.10 -16.33
N ASP A 157 16.44 1.95 -17.33
CA ASP A 157 15.49 3.03 -17.58
C ASP A 157 14.05 2.56 -17.72
N ARG A 158 13.86 1.51 -18.50
CA ARG A 158 12.53 0.97 -18.75
C ARG A 158 11.85 0.49 -17.48
N LEU A 159 12.52 -0.41 -16.75
CA LEU A 159 11.97 -0.95 -15.52
C LEU A 159 11.86 0.11 -14.44
N TYR A 160 12.78 1.07 -14.45
CA TYR A 160 12.75 2.14 -13.46
C TYR A 160 11.48 2.96 -13.65
N GLU A 161 11.18 3.29 -14.91
CA GLU A 161 9.99 4.07 -15.21
C GLU A 161 8.74 3.33 -14.74
N ILE A 162 8.70 2.01 -14.93
CA ILE A 162 7.56 1.21 -14.51
C ILE A 162 7.34 1.21 -13.00
N ILE A 163 8.40 0.98 -12.23
CA ILE A 163 8.25 0.92 -10.77
C ILE A 163 7.85 2.27 -10.21
N GLN A 164 8.16 3.34 -10.93
CA GLN A 164 7.75 4.66 -10.45
C GLN A 164 6.25 4.68 -10.25
N THR A 165 5.54 3.94 -11.11
CA THR A 165 4.08 3.87 -11.05
C THR A 165 3.51 2.94 -10.00
N TRP A 166 4.37 2.33 -9.18
CA TRP A 166 3.87 1.39 -8.17
C TRP A 166 3.27 2.13 -6.99
N SER A 167 2.24 1.53 -6.38
CA SER A 167 1.55 2.12 -5.22
C SER A 167 2.50 2.48 -4.09
N HIS A 168 3.60 1.74 -3.96
CA HIS A 168 4.53 2.00 -2.88
C HIS A 168 5.84 2.65 -3.26
N TYR A 169 5.93 3.23 -4.46
CA TYR A 169 7.16 3.88 -4.89
C TYR A 169 7.34 5.32 -4.42
N ARG A 170 8.46 5.59 -3.77
CA ARG A 170 8.80 6.94 -3.29
C ARG A 170 10.24 7.23 -3.71
N ALA A 171 10.43 8.21 -4.60
CA ALA A 171 11.77 8.54 -5.11
C ALA A 171 12.68 9.11 -4.02
N GLU B 1 -6.06 -4.34 -17.86
CA GLU B 1 -6.75 -3.36 -17.04
C GLU B 1 -7.20 -4.01 -15.76
N ASP B 2 -7.64 -3.20 -14.81
CA ASP B 2 -8.20 -3.70 -13.57
C ASP B 2 -7.50 -4.91 -12.96
N PRO B 3 -6.09 -4.89 -12.99
CA PRO B 3 -5.45 -5.93 -12.16
C PRO B 3 -4.70 -5.33 -10.97
N PRO B 4 -4.77 -6.05 -9.84
CA PRO B 4 -3.94 -5.83 -8.64
C PRO B 4 -2.63 -6.65 -8.54
N ALA B 5 -2.58 -7.99 -8.71
CA ALA B 5 -3.65 -8.98 -8.51
C ALA B 5 -3.06 -10.29 -7.90
N CYS B 6 -3.90 -11.13 -7.27
CA CYS B 6 -3.48 -12.34 -6.57
C CYS B 6 -3.19 -13.54 -7.45
N GLY B 7 -2.77 -14.59 -6.76
CA GLY B 7 -1.85 -15.66 -7.05
C GLY B 7 -1.20 -15.60 -8.41
N SER B 8 -0.54 -14.48 -8.67
CA SER B 8 0.30 -14.41 -9.87
C SER B 8 -0.36 -15.02 -11.12
N ILE B 9 -1.63 -14.73 -11.35
CA ILE B 9 -2.34 -15.44 -12.41
C ILE B 9 -2.26 -14.75 -13.74
N VAL B 10 -2.13 -15.54 -14.79
CA VAL B 10 -2.04 -15.06 -16.17
C VAL B 10 -3.47 -14.69 -16.56
N PRO B 11 -3.75 -13.39 -16.78
CA PRO B 11 -5.12 -13.00 -17.13
C PRO B 11 -5.55 -13.46 -18.51
N ARG B 12 -6.84 -13.75 -18.64
CA ARG B 12 -7.41 -14.22 -19.91
C ARG B 12 -6.77 -13.53 -21.10
N ARG B 13 -6.75 -12.20 -21.07
CA ARG B 13 -6.19 -11.42 -22.17
C ARG B 13 -4.74 -11.78 -22.43
N GLU B 14 -3.96 -11.98 -21.37
CA GLU B 14 -2.55 -12.31 -21.56
C GLU B 14 -2.40 -13.60 -22.37
N TRP B 15 -3.27 -14.56 -22.20
CA TRP B 15 -3.13 -15.80 -22.93
C TRP B 15 -3.89 -15.81 -24.27
N ARG B 16 -4.30 -14.64 -24.70
CA ARG B 16 -5.09 -14.41 -25.91
C ARG B 16 -6.37 -15.24 -26.01
N ALA B 17 -7.13 -15.23 -24.93
CA ALA B 17 -8.37 -15.99 -24.79
C ALA B 17 -9.56 -15.35 -25.48
N LEU B 18 -10.45 -16.19 -26.00
CA LEU B 18 -11.68 -15.68 -26.61
C LEU B 18 -12.50 -15.24 -25.41
N ALA B 19 -13.45 -14.32 -25.61
CA ALA B 19 -14.25 -13.83 -24.49
C ALA B 19 -15.28 -14.83 -24.01
N SER B 20 -15.63 -14.75 -22.73
CA SER B 20 -16.63 -15.64 -22.18
C SER B 20 -18.00 -15.11 -22.54
N GLU B 21 -18.94 -16.04 -22.64
CA GLU B 21 -20.34 -15.75 -22.78
C GLU B 21 -21.10 -16.30 -21.64
N CYS B 22 -20.41 -16.83 -20.68
CA CYS B 22 -21.04 -17.43 -19.50
C CYS B 22 -21.57 -16.40 -18.56
N ARG B 23 -22.75 -16.66 -18.01
CA ARG B 23 -23.38 -15.80 -17.01
C ARG B 23 -23.52 -16.46 -15.63
N GLU B 24 -23.88 -17.73 -15.59
CA GLU B 24 -24.23 -18.30 -14.33
C GLU B 24 -23.12 -18.05 -13.35
N ARG B 25 -23.48 -17.60 -12.16
CA ARG B 25 -22.48 -17.29 -11.16
C ARG B 25 -22.39 -18.39 -10.13
N LEU B 26 -21.29 -18.42 -9.39
CA LEU B 26 -21.09 -19.41 -8.33
C LEU B 26 -21.45 -18.74 -7.01
N THR B 27 -22.05 -19.47 -6.09
CA THR B 27 -22.36 -18.84 -4.82
C THR B 27 -21.15 -19.00 -3.93
N ARG B 28 -20.36 -17.94 -3.81
CA ARG B 28 -19.21 -18.00 -2.89
C ARG B 28 -19.69 -17.51 -1.51
N PRO B 29 -19.01 -17.96 -0.42
CA PRO B 29 -17.86 -18.88 -0.35
C PRO B 29 -18.11 -20.30 -0.78
N VAL B 30 -17.30 -20.78 -1.72
CA VAL B 30 -17.41 -22.13 -2.25
C VAL B 30 -16.81 -23.20 -1.34
N ARG B 31 -17.45 -24.36 -1.31
CA ARG B 31 -17.05 -25.49 -0.46
C ARG B 31 -16.03 -26.51 -1.01
N TYR B 32 -16.15 -26.83 -2.29
CA TYR B 32 -15.27 -27.82 -2.90
C TYR B 32 -14.30 -27.32 -3.98
N VAL B 33 -13.27 -28.12 -4.24
CA VAL B 33 -12.28 -27.83 -5.28
C VAL B 33 -11.98 -29.15 -6.00
N VAL B 34 -12.27 -29.21 -7.29
CA VAL B 34 -12.02 -30.45 -8.04
C VAL B 34 -10.80 -30.36 -8.96
N VAL B 35 -9.84 -31.26 -8.78
CA VAL B 35 -8.64 -31.25 -9.60
C VAL B 35 -8.77 -32.28 -10.69
N SER B 36 -8.52 -31.84 -11.91
CA SER B 36 -8.70 -32.57 -13.14
C SER B 36 -7.40 -32.43 -13.86
N HIS B 37 -7.25 -33.07 -15.01
CA HIS B 37 -6.13 -32.78 -15.88
C HIS B 37 -6.82 -32.63 -17.22
N THR B 38 -6.28 -31.80 -18.11
CA THR B 38 -6.89 -31.56 -19.40
C THR B 38 -6.84 -32.79 -20.30
N ALA B 39 -5.86 -33.65 -20.07
CA ALA B 39 -5.73 -34.87 -20.86
C ALA B 39 -5.26 -34.46 -22.23
N GLY B 40 -4.83 -33.21 -22.35
CA GLY B 40 -4.35 -32.68 -23.62
C GLY B 40 -2.84 -32.64 -23.55
N SER B 41 -2.20 -31.81 -24.37
CA SER B 41 -0.73 -31.75 -24.34
C SER B 41 -0.20 -31.01 -23.12
N HIS B 42 1.01 -31.34 -22.68
CA HIS B 42 1.60 -30.61 -21.56
C HIS B 42 2.42 -29.49 -22.21
N CYS B 43 2.93 -28.58 -21.40
CA CYS B 43 3.70 -27.44 -21.89
C CYS B 43 4.52 -26.99 -20.69
N ASP B 44 5.74 -26.53 -20.91
CA ASP B 44 6.56 -26.05 -19.81
C ASP B 44 7.12 -24.64 -19.91
N THR B 45 6.46 -23.78 -20.62
CA THR B 45 6.96 -22.43 -20.75
C THR B 45 5.77 -21.52 -20.88
N PRO B 46 5.95 -20.26 -20.54
CA PRO B 46 4.87 -19.27 -20.63
C PRO B 46 4.23 -19.36 -22.01
N ALA B 47 5.07 -19.32 -23.02
CA ALA B 47 4.63 -19.35 -24.39
C ALA B 47 3.88 -20.61 -24.77
N SER B 48 4.46 -21.77 -24.47
CA SER B 48 3.82 -23.02 -24.84
C SER B 48 2.50 -23.25 -24.11
N CYS B 49 2.48 -22.90 -22.83
CA CYS B 49 1.31 -23.04 -22.00
C CYS B 49 0.16 -22.07 -22.34
N ALA B 50 0.50 -20.89 -22.87
CA ALA B 50 -0.53 -19.94 -23.26
C ALA B 50 -1.20 -20.53 -24.49
N GLN B 51 -0.38 -21.04 -25.40
CA GLN B 51 -0.90 -21.63 -26.60
C GLN B 51 -1.76 -22.85 -26.26
N GLN B 52 -1.45 -23.52 -25.16
CA GLN B 52 -2.23 -24.69 -24.79
C GLN B 52 -3.54 -24.29 -24.13
N ALA B 53 -3.53 -23.15 -23.44
CA ALA B 53 -4.74 -22.65 -22.79
C ALA B 53 -5.74 -22.34 -23.90
N GLN B 54 -5.24 -21.71 -24.94
CA GLN B 54 -6.03 -21.36 -26.10
C GLN B 54 -6.58 -22.65 -26.70
N ASN B 55 -5.68 -23.57 -27.02
CA ASN B 55 -6.09 -24.82 -27.61
C ASN B 55 -7.23 -25.46 -26.82
N VAL B 56 -7.08 -25.54 -25.50
CA VAL B 56 -8.13 -26.15 -24.67
C VAL B 56 -9.44 -25.37 -24.81
N GLN B 57 -9.38 -24.06 -24.60
CA GLN B 57 -10.56 -23.22 -24.70
C GLN B 57 -11.22 -23.33 -26.07
N SER B 58 -10.40 -23.27 -27.12
CA SER B 58 -10.92 -23.36 -28.48
C SER B 58 -11.73 -24.62 -28.67
N TYR B 59 -11.18 -25.74 -28.21
CA TYR B 59 -11.89 -27.02 -28.33
C TYR B 59 -13.23 -26.93 -27.62
N HIS B 60 -13.23 -26.36 -26.42
CA HIS B 60 -14.44 -26.24 -25.63
C HIS B 60 -15.50 -25.31 -26.21
N VAL B 61 -15.05 -24.24 -26.83
CA VAL B 61 -15.96 -23.25 -27.35
C VAL B 61 -16.40 -23.48 -28.79
N ARG B 62 -15.44 -23.65 -29.68
CA ARG B 62 -15.76 -23.88 -31.08
C ARG B 62 -16.36 -25.26 -31.32
N ASN B 63 -15.89 -26.23 -30.58
CA ASN B 63 -16.30 -27.59 -30.81
C ASN B 63 -17.37 -28.19 -29.92
N LEU B 64 -17.33 -27.97 -28.63
CA LEU B 64 -18.42 -28.42 -27.76
C LEU B 64 -19.44 -27.30 -27.55
N GLY B 65 -19.20 -26.18 -28.23
CA GLY B 65 -20.12 -25.05 -28.16
C GLY B 65 -20.30 -24.34 -26.84
N TRP B 66 -19.43 -24.61 -25.87
CA TRP B 66 -19.50 -23.98 -24.55
C TRP B 66 -19.31 -22.47 -24.54
N CYS B 67 -19.80 -21.80 -23.49
CA CYS B 67 -19.70 -20.35 -23.39
C CYS B 67 -18.27 -19.87 -23.09
N ASP B 68 -17.47 -20.77 -22.52
CA ASP B 68 -16.08 -20.47 -22.17
C ASP B 68 -15.31 -21.77 -21.94
N VAL B 69 -14.01 -21.69 -21.80
CA VAL B 69 -13.26 -22.87 -21.52
C VAL B 69 -13.87 -23.43 -20.27
N GLY B 70 -13.88 -24.74 -20.11
CA GLY B 70 -14.58 -25.34 -18.99
C GLY B 70 -14.09 -25.10 -17.59
N TYR B 71 -12.78 -24.94 -17.42
CA TYR B 71 -12.21 -24.79 -16.09
C TYR B 71 -12.20 -23.39 -15.51
N ASN B 72 -12.19 -23.31 -14.18
CA ASN B 72 -12.15 -22.02 -13.50
C ASN B 72 -10.70 -21.53 -13.64
N PHE B 73 -9.76 -22.47 -13.58
CA PHE B 73 -8.33 -22.18 -13.71
C PHE B 73 -7.56 -23.34 -14.32
N LEU B 74 -6.48 -23.02 -15.02
CA LEU B 74 -5.63 -24.02 -15.62
C LEU B 74 -4.20 -23.84 -15.07
N ILE B 75 -3.53 -24.95 -14.76
CA ILE B 75 -2.17 -24.90 -14.22
C ILE B 75 -1.15 -25.40 -15.25
N GLY B 76 -0.17 -24.57 -15.59
CA GLY B 76 0.82 -25.00 -16.55
C GLY B 76 2.06 -25.55 -15.87
N GLU B 77 2.84 -26.37 -16.57
CA GLU B 77 4.06 -26.90 -15.95
C GLU B 77 5.14 -25.83 -15.87
N ASP B 78 4.86 -24.68 -16.46
CA ASP B 78 5.75 -23.54 -16.40
C ASP B 78 5.59 -22.91 -15.00
N GLY B 79 4.73 -23.52 -14.20
CA GLY B 79 4.50 -23.03 -12.85
C GLY B 79 3.58 -21.84 -12.76
N LEU B 80 2.88 -21.52 -13.85
CA LEU B 80 1.97 -20.38 -13.85
C LEU B 80 0.51 -20.86 -13.88
N VAL B 81 -0.38 -20.08 -13.25
CA VAL B 81 -1.80 -20.41 -13.24
C VAL B 81 -2.46 -19.58 -14.32
N TYR B 82 -3.30 -20.21 -15.13
CA TYR B 82 -3.99 -19.52 -16.21
C TYR B 82 -5.45 -19.32 -15.87
N GLU B 83 -5.92 -18.11 -16.13
CA GLU B 83 -7.29 -17.74 -15.82
C GLU B 83 -8.32 -18.33 -16.77
N GLY B 84 -9.27 -19.04 -16.19
CA GLY B 84 -10.34 -19.63 -16.96
C GLY B 84 -11.59 -18.83 -16.71
N ARG B 85 -12.61 -19.47 -16.17
CA ARG B 85 -13.84 -18.76 -15.89
C ARG B 85 -13.66 -17.92 -14.62
N GLY B 86 -12.70 -18.31 -13.78
CA GLY B 86 -12.44 -17.56 -12.56
C GLY B 86 -13.16 -18.05 -11.31
N TRP B 87 -13.15 -17.20 -10.28
CA TRP B 87 -13.77 -17.50 -9.00
C TRP B 87 -15.28 -17.29 -9.02
N ASN B 88 -15.76 -16.36 -9.83
CA ASN B 88 -17.20 -16.03 -9.89
C ASN B 88 -18.13 -16.78 -10.83
N ILE B 89 -17.63 -17.35 -11.89
CA ILE B 89 -18.51 -18.00 -12.81
C ILE B 89 -18.49 -19.49 -12.66
N LYS B 90 -19.67 -20.09 -12.64
CA LYS B 90 -19.81 -21.54 -12.52
C LYS B 90 -19.05 -22.25 -13.64
N GLY B 91 -18.29 -23.28 -13.30
CA GLY B 91 -17.51 -24.00 -14.30
C GLY B 91 -18.23 -25.15 -14.98
N ALA B 92 -17.48 -25.90 -15.78
CA ALA B 92 -17.98 -27.08 -16.51
C ALA B 92 -16.88 -28.09 -16.56
N HIS B 93 -16.74 -28.91 -15.51
CA HIS B 93 -15.63 -29.84 -15.42
C HIS B 93 -16.09 -31.11 -14.77
N ALA B 94 -17.15 -31.06 -13.95
CA ALA B 94 -17.43 -32.15 -13.03
C ALA B 94 -18.82 -32.75 -13.09
N GLY B 95 -19.66 -32.28 -14.00
CA GLY B 95 -21.03 -32.78 -14.08
C GLY B 95 -21.95 -31.77 -13.39
N PRO B 96 -23.26 -31.83 -13.67
CA PRO B 96 -24.22 -30.92 -13.06
C PRO B 96 -24.25 -30.91 -11.54
N THR B 97 -23.97 -32.06 -10.93
CA THR B 97 -23.94 -32.17 -9.47
C THR B 97 -22.89 -31.23 -8.89
N TRP B 98 -21.65 -31.49 -9.29
CA TRP B 98 -20.48 -30.80 -8.83
C TRP B 98 -20.07 -29.46 -9.41
N ASN B 99 -20.59 -29.10 -10.58
CA ASN B 99 -20.17 -27.83 -11.18
C ASN B 99 -20.56 -26.52 -10.43
N PRO B 100 -21.72 -26.51 -9.77
CA PRO B 100 -22.09 -25.27 -9.06
C PRO B 100 -21.71 -25.18 -7.58
N ILE B 101 -21.10 -26.23 -7.06
CA ILE B 101 -20.71 -26.23 -5.67
C ILE B 101 -19.21 -26.36 -5.48
N SER B 102 -18.48 -26.18 -6.55
CA SER B 102 -17.04 -26.33 -6.47
C SER B 102 -16.30 -25.46 -7.48
N ILE B 103 -15.00 -25.33 -7.29
CA ILE B 103 -14.15 -24.68 -8.23
C ILE B 103 -13.36 -25.81 -8.80
N GLY B 104 -13.18 -25.81 -10.10
CA GLY B 104 -12.36 -26.84 -10.69
C GLY B 104 -11.10 -26.23 -11.28
N ILE B 105 -9.96 -26.85 -11.04
CA ILE B 105 -8.72 -26.37 -11.59
C ILE B 105 -8.19 -27.56 -12.38
N SER B 106 -7.50 -27.30 -13.48
CA SER B 106 -7.01 -28.39 -14.28
C SER B 106 -5.54 -28.27 -14.62
N PHE B 107 -4.82 -29.38 -14.51
CA PHE B 107 -3.41 -29.39 -14.84
C PHE B 107 -3.29 -29.73 -16.33
N MET B 108 -2.63 -28.87 -17.08
CA MET B 108 -2.46 -29.08 -18.51
C MET B 108 -1.49 -30.20 -18.82
N GLY B 109 -2.04 -31.32 -19.27
CA GLY B 109 -1.24 -32.47 -19.61
C GLY B 109 -1.90 -33.75 -19.14
N ASN B 110 -1.28 -34.89 -19.44
CA ASN B 110 -1.79 -36.18 -19.00
C ASN B 110 -0.85 -36.65 -17.89
N TYR B 111 -1.40 -36.88 -16.73
CA TYR B 111 -0.60 -37.24 -15.57
C TYR B 111 -0.81 -38.66 -15.11
N MET B 112 -1.12 -39.54 -16.04
CA MET B 112 -1.36 -40.94 -15.72
C MET B 112 -0.02 -41.58 -15.41
N ASN B 113 0.93 -41.45 -16.34
CA ASN B 113 2.28 -41.98 -16.15
C ASN B 113 3.34 -40.91 -15.88
N ARG B 114 2.89 -39.67 -15.71
CA ARG B 114 3.78 -38.51 -15.58
C ARG B 114 3.37 -37.73 -14.34
N VAL B 115 4.29 -36.96 -13.78
CA VAL B 115 4.00 -36.19 -12.59
C VAL B 115 4.28 -34.70 -12.87
N PRO B 116 3.48 -33.79 -12.28
CA PRO B 116 3.69 -32.34 -12.50
C PRO B 116 4.80 -31.80 -11.61
N PRO B 117 5.68 -30.95 -12.17
CA PRO B 117 6.79 -30.36 -11.42
C PRO B 117 6.36 -29.70 -10.12
N PRO B 118 7.28 -29.61 -9.13
CA PRO B 118 6.89 -28.99 -7.85
C PRO B 118 6.29 -27.60 -8.04
N ARG B 119 6.84 -26.82 -8.96
CA ARG B 119 6.33 -25.46 -9.16
C ARG B 119 4.87 -25.43 -9.54
N ALA B 120 4.42 -26.34 -10.39
CA ALA B 120 3.02 -26.36 -10.76
C ALA B 120 2.17 -26.72 -9.54
N LEU B 121 2.66 -27.64 -8.73
CA LEU B 121 1.95 -28.03 -7.52
C LEU B 121 1.92 -26.82 -6.59
N ARG B 122 3.01 -26.07 -6.55
CA ARG B 122 3.08 -24.87 -5.72
C ARG B 122 2.04 -23.87 -6.18
N ALA B 123 2.06 -23.55 -7.47
CA ALA B 123 1.11 -22.60 -8.04
C ALA B 123 -0.34 -23.01 -7.72
N ALA B 124 -0.57 -24.32 -7.64
CA ALA B 124 -1.88 -24.90 -7.35
C ALA B 124 -2.36 -24.54 -5.96
N GLN B 125 -1.59 -24.98 -4.96
CA GLN B 125 -1.91 -24.70 -3.57
C GLN B 125 -1.95 -23.20 -3.35
N ASN B 126 -0.96 -22.50 -3.89
CA ASN B 126 -0.88 -21.05 -3.77
C ASN B 126 -2.17 -20.49 -4.35
N LEU B 127 -2.66 -21.10 -5.43
CA LEU B 127 -3.88 -20.62 -6.05
C LEU B 127 -5.02 -20.75 -5.07
N LEU B 128 -5.15 -21.93 -4.46
CA LEU B 128 -6.20 -22.17 -3.50
C LEU B 128 -6.15 -21.16 -2.36
N ALA B 129 -4.94 -20.93 -1.83
CA ALA B 129 -4.79 -19.98 -0.75
C ALA B 129 -5.38 -18.61 -1.14
N CYS B 130 -5.02 -18.10 -2.30
CA CYS B 130 -5.45 -16.77 -2.66
C CYS B 130 -6.97 -16.79 -2.61
N GLY B 131 -7.54 -17.99 -2.84
CA GLY B 131 -8.98 -18.11 -3.05
C GLY B 131 -9.72 -17.80 -1.77
N VAL B 132 -9.15 -18.28 -0.68
CA VAL B 132 -9.71 -18.05 0.66
C VAL B 132 -9.57 -16.57 0.93
N ALA B 133 -8.41 -16.03 0.66
CA ALA B 133 -8.17 -14.67 1.09
C ALA B 133 -9.30 -13.86 0.46
N LEU B 134 -9.86 -14.38 -0.63
CA LEU B 134 -10.83 -13.60 -1.39
C LEU B 134 -12.28 -13.83 -1.02
N GLY B 135 -12.55 -14.88 -0.24
CA GLY B 135 -13.94 -15.13 0.12
C GLY B 135 -14.52 -16.09 -0.89
N ALA B 136 -13.83 -16.17 -2.05
CA ALA B 136 -14.21 -17.09 -3.13
C ALA B 136 -14.16 -18.52 -2.61
N LEU B 137 -13.03 -18.88 -2.01
CA LEU B 137 -12.91 -20.20 -1.44
C LEU B 137 -13.30 -20.12 0.04
N ARG B 138 -13.59 -21.29 0.59
CA ARG B 138 -13.98 -21.46 1.98
C ARG B 138 -12.85 -22.14 2.72
N SER B 139 -12.42 -21.53 3.81
CA SER B 139 -11.17 -21.83 4.47
C SER B 139 -11.16 -23.28 4.90
N ASN B 140 -12.35 -23.80 5.02
CA ASN B 140 -12.60 -25.12 5.56
C ASN B 140 -12.60 -26.03 4.38
N TYR B 141 -12.24 -25.45 3.25
CA TYR B 141 -12.44 -26.11 1.95
C TYR B 141 -11.87 -27.50 1.76
N GLU B 142 -12.49 -28.24 0.84
CA GLU B 142 -12.10 -29.61 0.56
C GLU B 142 -11.71 -29.88 -0.89
N VAL B 143 -10.69 -30.73 -1.05
CA VAL B 143 -10.16 -31.08 -2.36
C VAL B 143 -10.64 -32.48 -2.80
N LYS B 144 -11.01 -32.61 -4.07
CA LYS B 144 -11.48 -33.89 -4.62
C LYS B 144 -10.83 -34.11 -5.98
N GLY B 145 -10.58 -35.36 -6.33
CA GLY B 145 -10.00 -35.66 -7.62
C GLY B 145 -11.15 -35.61 -8.61
N HIS B 146 -10.85 -35.47 -9.90
CA HIS B 146 -11.91 -35.46 -10.91
C HIS B 146 -12.59 -36.82 -10.82
N ARG B 147 -11.76 -37.86 -10.67
CA ARG B 147 -12.24 -39.22 -10.59
C ARG B 147 -13.01 -39.50 -9.28
N ASP B 148 -12.82 -38.66 -8.28
CA ASP B 148 -13.55 -38.85 -7.02
C ASP B 148 -15.03 -38.50 -7.19
N VAL B 149 -15.35 -37.86 -8.33
CA VAL B 149 -16.72 -37.45 -8.64
C VAL B 149 -17.31 -37.87 -10.01
N GLN B 150 -16.45 -38.34 -10.92
CA GLN B 150 -16.89 -38.69 -12.26
C GLN B 150 -16.14 -39.89 -12.83
N PRO B 151 -16.88 -40.79 -13.52
CA PRO B 151 -16.24 -41.97 -14.13
C PRO B 151 -15.18 -41.53 -15.13
N THR B 152 -14.00 -41.20 -14.60
CA THR B 152 -12.89 -40.70 -15.41
C THR B 152 -11.55 -40.97 -14.75
N LEU B 153 -10.55 -41.32 -15.55
CA LEU B 153 -9.20 -41.59 -15.04
C LEU B 153 -8.55 -40.32 -14.49
N SER B 154 -9.04 -39.16 -14.94
CA SER B 154 -8.54 -37.84 -14.52
C SER B 154 -8.48 -37.69 -12.99
N PRO B 155 -7.46 -36.97 -12.46
CA PRO B 155 -6.34 -36.25 -13.07
C PRO B 155 -5.09 -37.09 -13.33
N GLY B 156 -5.25 -38.40 -13.47
CA GLY B 156 -4.10 -39.26 -13.72
C GLY B 156 -3.65 -39.94 -12.45
N ASP B 157 -3.20 -41.18 -12.56
CA ASP B 157 -2.77 -41.95 -11.40
C ASP B 157 -1.69 -41.23 -10.60
N ARG B 158 -0.64 -40.82 -11.30
CA ARG B 158 0.47 -40.10 -10.69
C ARG B 158 0.05 -38.86 -9.88
N LEU B 159 -0.72 -37.98 -10.51
CA LEU B 159 -1.16 -36.76 -9.85
C LEU B 159 -2.20 -37.00 -8.79
N TYR B 160 -3.06 -37.99 -9.04
CA TYR B 160 -4.12 -38.31 -8.10
C TYR B 160 -3.58 -38.71 -6.74
N GLU B 161 -2.52 -39.51 -6.72
CA GLU B 161 -1.98 -39.95 -5.44
C GLU B 161 -1.29 -38.82 -4.67
N ILE B 162 -0.93 -37.74 -5.37
CA ILE B 162 -0.29 -36.60 -4.72
C ILE B 162 -1.31 -35.74 -3.99
N ILE B 163 -2.43 -35.43 -4.66
CA ILE B 163 -3.42 -34.59 -4.02
C ILE B 163 -4.05 -35.25 -2.80
N GLN B 164 -3.89 -36.57 -2.66
CA GLN B 164 -4.44 -37.25 -1.51
C GLN B 164 -3.59 -36.91 -0.29
N THR B 165 -2.28 -36.72 -0.50
CA THR B 165 -1.42 -36.38 0.62
C THR B 165 -1.59 -34.90 0.97
N TRP B 166 -2.36 -34.18 0.16
CA TRP B 166 -2.61 -32.78 0.47
C TRP B 166 -3.45 -32.81 1.72
N SER B 167 -3.25 -31.84 2.59
CA SER B 167 -3.98 -31.76 3.85
C SER B 167 -5.49 -31.59 3.62
N HIS B 168 -5.86 -30.61 2.80
CA HIS B 168 -7.26 -30.29 2.56
C HIS B 168 -7.96 -31.37 1.66
N TYR B 169 -7.27 -32.40 1.34
CA TYR B 169 -7.85 -33.42 0.46
C TYR B 169 -8.83 -34.38 1.17
N ARG B 170 -9.97 -34.63 0.56
CA ARG B 170 -10.97 -35.55 1.10
C ARG B 170 -11.23 -36.55 -0.02
N ALA B 171 -11.65 -37.76 0.35
CA ALA B 171 -11.94 -38.78 -0.63
C ALA B 171 -13.45 -39.02 -0.66
N GLU C 1 36.10 31.11 7.55
CA GLU C 1 35.24 29.95 7.78
C GLU C 1 35.02 29.72 9.27
N ASP C 2 34.09 30.49 9.84
CA ASP C 2 33.69 30.31 11.21
C ASP C 2 32.18 30.19 11.29
N PRO C 3 31.70 29.15 11.97
CA PRO C 3 30.27 29.01 12.23
C PRO C 3 29.87 28.88 13.72
N PRO C 4 28.56 28.95 13.99
CA PRO C 4 27.99 29.08 15.32
C PRO C 4 27.79 27.78 16.07
N ALA C 5 28.21 27.78 17.32
CA ALA C 5 27.79 26.73 18.21
C ALA C 5 26.42 27.20 18.63
N CYS C 6 25.55 27.35 17.64
CA CYS C 6 24.18 27.81 17.83
C CYS C 6 23.31 26.68 18.34
N GLY C 7 23.80 25.46 18.20
CA GLY C 7 23.07 24.31 18.66
C GLY C 7 23.03 24.27 20.19
N SER C 8 21.86 24.61 20.74
CA SER C 8 21.58 24.53 22.18
C SER C 8 20.53 23.43 22.39
N ILE C 9 20.42 22.61 21.37
CA ILE C 9 19.33 21.73 21.06
C ILE C 9 19.54 20.41 21.80
N VAL C 10 18.50 19.95 22.48
CA VAL C 10 18.55 18.70 23.22
C VAL C 10 18.59 17.63 22.14
N PRO C 11 19.65 16.83 22.10
CA PRO C 11 19.79 15.78 21.08
C PRO C 11 18.83 14.62 21.33
N ARG C 12 18.66 13.77 20.33
CA ARG C 12 17.78 12.62 20.43
C ARG C 12 18.19 11.73 21.59
N ARG C 13 19.46 11.34 21.60
CA ARG C 13 19.95 10.48 22.66
C ARG C 13 19.53 11.02 24.01
N GLU C 14 19.53 12.34 24.15
CA GLU C 14 19.16 12.95 25.41
C GLU C 14 17.69 12.85 25.77
N TRP C 15 16.76 12.81 24.81
CA TRP C 15 15.38 12.65 25.24
C TRP C 15 14.94 11.19 25.09
N ARG C 16 15.94 10.33 24.86
CA ARG C 16 15.76 8.89 24.64
C ARG C 16 14.95 8.47 23.39
N ALA C 17 15.23 9.10 22.25
CA ALA C 17 14.47 8.86 21.04
C ALA C 17 14.73 7.45 20.53
N LEU C 18 13.76 6.92 19.80
CA LEU C 18 13.94 5.62 19.18
C LEU C 18 14.76 5.95 17.94
N ALA C 19 15.48 4.97 17.42
CA ALA C 19 16.32 5.19 16.24
C ALA C 19 15.52 5.48 15.00
N SER C 20 15.75 6.62 14.37
CA SER C 20 15.06 6.95 13.15
C SER C 20 15.46 5.99 12.06
N GLU C 21 14.52 5.74 11.16
CA GLU C 21 14.77 4.94 9.96
C GLU C 21 14.71 5.78 8.70
N CYS C 22 14.56 7.09 8.86
CA CYS C 22 14.36 7.99 7.73
C CYS C 22 15.65 8.17 6.94
N ARG C 23 15.51 8.15 5.61
CA ARG C 23 16.66 8.31 4.71
C ARG C 23 16.61 9.48 3.72
N GLU C 24 15.42 10.00 3.43
CA GLU C 24 15.28 11.06 2.42
C GLU C 24 15.89 12.37 2.93
N ARG C 25 16.78 12.95 2.12
CA ARG C 25 17.45 14.19 2.52
C ARG C 25 16.81 15.49 2.04
N LEU C 26 17.17 16.57 2.73
CA LEU C 26 16.71 17.90 2.42
C LEU C 26 17.88 18.61 1.75
N THR C 27 17.61 19.42 0.73
CA THR C 27 18.70 20.13 0.08
C THR C 27 18.87 21.42 0.84
N ARG C 28 20.07 21.71 1.34
CA ARG C 28 20.29 22.98 2.01
C ARG C 28 20.92 23.91 0.97
N PRO C 29 20.61 25.22 1.05
CA PRO C 29 19.74 25.86 2.06
C PRO C 29 18.24 25.79 1.78
N VAL C 30 17.50 25.35 2.79
CA VAL C 30 16.05 25.23 2.73
C VAL C 30 15.38 26.60 2.72
N ARG C 31 14.34 26.75 1.91
CA ARG C 31 13.64 28.02 1.80
C ARG C 31 12.48 28.25 2.77
N TYR C 32 11.82 27.19 3.22
CA TYR C 32 10.68 27.36 4.10
C TYR C 32 10.70 26.74 5.48
N VAL C 33 9.96 27.37 6.39
CA VAL C 33 9.78 26.88 7.74
C VAL C 33 8.27 26.82 7.95
N VAL C 34 7.75 25.68 8.38
CA VAL C 34 6.32 25.54 8.61
C VAL C 34 6.09 25.25 10.10
N VAL C 35 5.21 26.02 10.73
CA VAL C 35 4.95 25.88 12.16
C VAL C 35 3.67 25.16 12.52
N SER C 36 3.82 24.02 13.17
CA SER C 36 2.69 23.23 13.64
C SER C 36 2.71 23.24 15.16
N HIS C 37 1.70 22.68 15.78
CA HIS C 37 1.69 22.54 17.21
C HIS C 37 1.31 21.09 17.23
N THR C 38 1.43 20.40 18.36
CA THR C 38 1.11 19.01 18.38
C THR C 38 -0.34 18.81 18.81
N ALA C 39 -0.98 19.88 19.21
CA ALA C 39 -2.41 19.80 19.47
C ALA C 39 -2.57 18.82 20.61
N GLY C 40 -1.46 18.51 21.27
CA GLY C 40 -1.50 17.65 22.44
C GLY C 40 -1.15 18.37 23.73
N SER C 41 -1.00 17.59 24.80
CA SER C 41 -0.68 18.17 26.10
C SER C 41 0.72 18.75 26.05
N HIS C 42 0.98 19.75 26.85
CA HIS C 42 2.27 20.41 26.86
C HIS C 42 3.14 20.18 28.10
N CYS C 43 4.38 20.67 28.05
CA CYS C 43 5.35 20.39 29.11
C CYS C 43 6.19 21.60 29.55
N ASP C 44 6.29 21.85 30.85
CA ASP C 44 7.07 22.99 31.31
C ASP C 44 8.43 22.65 31.96
N THR C 45 8.89 21.41 31.85
CA THR C 45 10.18 21.02 32.45
C THR C 45 10.92 20.04 31.54
N PRO C 46 12.26 20.12 31.47
CA PRO C 46 13.06 19.23 30.63
C PRO C 46 12.74 17.76 30.88
N ALA C 47 12.38 17.43 32.12
CA ALA C 47 12.06 16.05 32.44
C ALA C 47 10.79 15.60 31.71
N SER C 48 9.74 16.40 31.83
CA SER C 48 8.47 16.08 31.19
C SER C 48 8.48 16.39 29.71
N CYS C 49 9.21 17.42 29.30
CA CYS C 49 9.28 17.72 27.89
C CYS C 49 9.92 16.57 27.14
N ALA C 50 11.02 16.05 27.66
CA ALA C 50 11.67 14.93 27.02
C ALA C 50 10.68 13.74 27.04
N GLN C 51 9.90 13.66 28.10
CA GLN C 51 8.90 12.61 28.22
C GLN C 51 7.82 12.81 27.14
N GLN C 52 7.52 14.06 26.84
CA GLN C 52 6.50 14.40 25.85
C GLN C 52 7.03 14.11 24.46
N ALA C 53 8.23 14.60 24.15
CA ALA C 53 8.81 14.36 22.85
C ALA C 53 8.84 12.87 22.55
N GLN C 54 8.97 12.07 23.60
CA GLN C 54 8.98 10.62 23.46
C GLN C 54 7.64 10.16 22.92
N ASN C 55 6.59 10.76 23.48
CA ASN C 55 5.24 10.45 23.08
C ASN C 55 4.93 10.86 21.65
N VAL C 56 5.20 12.11 21.31
CA VAL C 56 4.95 12.55 19.95
C VAL C 56 5.70 11.62 18.98
N GLN C 57 6.82 11.07 19.40
CA GLN C 57 7.55 10.15 18.53
C GLN C 57 6.88 8.78 18.51
N SER C 58 6.46 8.33 19.69
CA SER C 58 5.79 7.06 19.85
C SER C 58 4.63 7.04 18.86
N TYR C 59 3.75 8.01 18.99
CA TYR C 59 2.58 8.14 18.12
C TYR C 59 2.97 8.03 16.65
N HIS C 60 3.87 8.89 16.19
CA HIS C 60 4.30 8.87 14.78
C HIS C 60 4.96 7.58 14.31
N VAL C 61 5.76 6.95 15.18
CA VAL C 61 6.47 5.72 14.83
C VAL C 61 5.69 4.44 15.10
N ARG C 62 5.13 4.30 16.30
CA ARG C 62 4.38 3.11 16.65
C ARG C 62 3.00 3.09 16.04
N ASN C 63 2.19 4.10 16.37
CA ASN C 63 0.84 4.16 15.86
C ASN C 63 0.73 4.35 14.35
N LEU C 64 1.34 5.40 13.80
CA LEU C 64 1.25 5.68 12.36
C LEU C 64 2.26 4.95 11.51
N GLY C 65 3.18 4.26 12.17
CA GLY C 65 4.21 3.50 11.46
C GLY C 65 5.23 4.29 10.67
N TRP C 66 5.50 5.53 11.07
CA TRP C 66 6.49 6.35 10.37
C TRP C 66 7.95 6.01 10.76
N CYS C 67 8.89 6.45 9.93
CA CYS C 67 10.30 6.18 10.18
C CYS C 67 10.86 7.00 11.34
N ASP C 68 10.22 8.12 11.62
CA ASP C 68 10.67 9.01 12.70
C ASP C 68 9.56 9.97 13.08
N VAL C 69 9.69 10.61 14.23
CA VAL C 69 8.75 11.69 14.55
C VAL C 69 8.77 12.61 13.31
N GLY C 70 7.59 13.05 12.85
CA GLY C 70 7.47 13.85 11.65
C GLY C 70 8.16 15.20 11.57
N TYR C 71 8.29 15.89 12.70
CA TYR C 71 8.89 17.22 12.72
C TYR C 71 10.42 17.20 12.70
N ASN C 72 11.01 18.25 12.14
CA ASN C 72 12.47 18.36 12.09
C ASN C 72 12.95 18.76 13.49
N PHE C 73 12.18 19.61 14.14
CA PHE C 73 12.50 20.05 15.49
C PHE C 73 11.18 20.25 16.26
N LEU C 74 11.23 20.14 17.58
CA LEU C 74 10.06 20.36 18.42
C LEU C 74 10.43 21.41 19.43
N ILE C 75 9.49 22.26 19.79
CA ILE C 75 9.73 23.31 20.74
C ILE C 75 9.06 23.04 22.05
N GLY C 76 9.77 23.14 23.16
CA GLY C 76 9.15 22.88 24.43
C GLY C 76 8.76 24.16 25.12
N GLU C 77 7.83 24.07 26.06
CA GLU C 77 7.44 25.24 26.80
C GLU C 77 8.47 25.38 27.91
N ASP C 78 9.41 24.44 27.94
CA ASP C 78 10.47 24.44 28.92
C ASP C 78 11.59 25.36 28.44
N GLY C 79 11.43 25.89 27.23
CA GLY C 79 12.44 26.78 26.68
C GLY C 79 13.50 26.08 25.86
N LEU C 80 13.38 24.76 25.73
CA LEU C 80 14.33 23.97 24.98
C LEU C 80 13.78 23.43 23.67
N VAL C 81 14.63 23.38 22.65
CA VAL C 81 14.32 22.83 21.34
C VAL C 81 14.73 21.36 21.30
N TYR C 82 13.81 20.49 20.90
CA TYR C 82 14.14 19.07 20.83
C TYR C 82 14.40 18.67 19.40
N GLU C 83 15.49 17.94 19.20
CA GLU C 83 15.87 17.50 17.87
C GLU C 83 14.97 16.35 17.38
N GLY C 84 14.43 16.51 16.18
CA GLY C 84 13.58 15.49 15.58
C GLY C 84 14.37 14.90 14.45
N ARG C 85 13.99 15.23 13.23
CA ARG C 85 14.70 14.70 12.08
C ARG C 85 15.89 15.60 11.77
N GLY C 86 15.87 16.82 12.27
CA GLY C 86 16.98 17.74 12.07
C GLY C 86 17.03 18.51 10.77
N TRP C 87 18.15 19.18 10.52
CA TRP C 87 18.34 20.04 9.36
C TRP C 87 18.51 19.33 8.03
N ASN C 88 18.91 18.07 8.05
CA ASN C 88 19.18 17.37 6.81
C ASN C 88 18.21 16.31 6.34
N ILE C 89 17.26 15.94 7.18
CA ILE C 89 16.30 14.92 6.78
C ILE C 89 14.88 15.44 6.60
N LYS C 90 14.28 15.14 5.46
CA LYS C 90 12.91 15.57 5.16
C LYS C 90 11.90 15.13 6.22
N GLY C 91 11.14 16.08 6.75
CA GLY C 91 10.13 15.73 7.73
C GLY C 91 8.87 15.19 7.08
N ALA C 92 7.90 14.82 7.92
CA ALA C 92 6.59 14.38 7.48
C ALA C 92 5.56 15.12 8.31
N HIS C 93 5.43 16.41 8.04
CA HIS C 93 4.63 17.29 8.87
C HIS C 93 3.69 18.23 8.10
N ALA C 94 4.03 18.52 6.85
CA ALA C 94 3.24 19.45 6.02
C ALA C 94 2.63 18.94 4.70
N GLY C 95 2.78 17.66 4.39
CA GLY C 95 2.36 17.17 3.09
C GLY C 95 3.50 17.03 2.09
N PRO C 96 3.32 16.24 1.02
CA PRO C 96 4.28 15.96 -0.06
C PRO C 96 4.75 17.10 -0.93
N THR C 97 4.06 18.23 -0.88
CA THR C 97 4.49 19.36 -1.69
C THR C 97 5.41 20.27 -0.86
N TRP C 98 5.12 20.42 0.43
CA TRP C 98 5.93 21.26 1.28
C TRP C 98 7.01 20.56 2.08
N ASN C 99 6.85 19.28 2.38
CA ASN C 99 7.87 18.58 3.16
C ASN C 99 9.25 18.68 2.51
N PRO C 100 9.36 18.30 1.23
CA PRO C 100 10.63 18.34 0.48
C PRO C 100 11.36 19.69 0.42
N ILE C 101 10.65 20.74 0.74
CA ILE C 101 11.18 22.06 0.66
C ILE C 101 11.15 22.88 1.94
N SER C 102 10.81 22.27 3.04
CA SER C 102 10.67 23.01 4.29
C SER C 102 11.24 22.34 5.52
N ILE C 103 11.40 23.14 6.55
CA ILE C 103 11.72 22.66 7.86
C ILE C 103 10.47 22.79 8.64
N GLY C 104 10.08 21.76 9.34
CA GLY C 104 8.87 21.90 10.12
C GLY C 104 9.15 21.86 11.60
N ILE C 105 8.95 22.99 12.26
CA ILE C 105 9.04 23.04 13.70
C ILE C 105 7.68 22.98 14.32
N SER C 106 7.57 22.27 15.42
CA SER C 106 6.28 22.16 16.06
C SER C 106 6.38 22.48 17.54
N PHE C 107 5.48 23.33 18.02
CA PHE C 107 5.47 23.68 19.43
C PHE C 107 4.68 22.60 20.16
N MET C 108 5.25 21.98 21.17
CA MET C 108 4.58 20.88 21.78
C MET C 108 3.50 21.42 22.64
N GLY C 109 2.26 21.17 22.27
CA GLY C 109 1.10 21.62 23.02
C GLY C 109 -0.03 22.01 22.09
N ASN C 110 -1.12 22.53 22.65
CA ASN C 110 -2.25 23.00 21.82
C ASN C 110 -2.43 24.48 22.07
N TYR C 111 -2.20 25.26 21.03
CA TYR C 111 -2.28 26.69 21.17
C TYR C 111 -3.52 27.40 20.70
N MET C 112 -4.64 26.69 20.82
CA MET C 112 -5.94 27.20 20.36
C MET C 112 -6.44 28.19 21.40
N ASN C 113 -6.22 27.86 22.68
CA ASN C 113 -6.60 28.72 23.80
C ASN C 113 -5.46 29.29 24.65
N ARG C 114 -4.24 29.09 24.19
CA ARG C 114 -3.01 29.43 24.89
C ARG C 114 -2.00 30.06 23.99
N VAL C 115 -1.18 30.95 24.50
CA VAL C 115 -0.08 31.43 23.69
C VAL C 115 1.07 30.67 24.32
N PRO C 116 2.10 30.35 23.55
CA PRO C 116 3.22 29.62 24.14
C PRO C 116 4.08 30.62 24.92
N PRO C 117 4.74 30.16 25.99
CA PRO C 117 5.60 31.02 26.83
C PRO C 117 6.69 31.74 26.03
N PRO C 118 7.02 32.99 26.43
CA PRO C 118 8.04 33.77 25.74
C PRO C 118 9.31 32.97 25.48
N ARG C 119 9.60 32.04 26.38
CA ARG C 119 10.81 31.26 26.21
C ARG C 119 10.66 30.17 25.16
N ALA C 120 9.42 29.87 24.78
CA ALA C 120 9.17 28.87 23.76
C ALA C 120 9.31 29.60 22.45
N LEU C 121 8.84 30.84 22.44
CA LEU C 121 8.96 31.67 21.26
C LEU C 121 10.44 32.01 21.03
N ARG C 122 11.15 32.39 22.10
CA ARG C 122 12.58 32.69 21.96
C ARG C 122 13.30 31.46 21.42
N ALA C 123 13.04 30.31 22.05
CA ALA C 123 13.65 29.07 21.63
C ALA C 123 13.51 28.92 20.12
N ALA C 124 12.30 29.16 19.61
CA ALA C 124 12.02 29.04 18.18
C ALA C 124 12.68 30.09 17.29
N GLN C 125 12.62 31.37 17.68
CA GLN C 125 13.24 32.42 16.88
C GLN C 125 14.74 32.19 16.77
N ASN C 126 15.35 31.72 17.86
CA ASN C 126 16.78 31.47 17.89
C ASN C 126 17.13 30.25 17.08
N LEU C 127 16.20 29.28 17.05
CA LEU C 127 16.43 28.06 16.28
C LEU C 127 16.65 28.41 14.83
N LEU C 128 15.88 29.38 14.35
CA LEU C 128 15.96 29.82 12.96
C LEU C 128 17.21 30.64 12.69
N ALA C 129 17.59 31.51 13.61
CA ALA C 129 18.82 32.27 13.38
C ALA C 129 19.96 31.25 13.25
N CYS C 130 19.89 30.22 14.08
CA CYS C 130 20.85 29.12 14.10
C CYS C 130 20.93 28.56 12.69
N GLY C 131 19.78 28.10 12.21
CA GLY C 131 19.68 27.52 10.88
C GLY C 131 20.28 28.38 9.79
N VAL C 132 20.08 29.69 9.88
CA VAL C 132 20.63 30.57 8.88
C VAL C 132 22.15 30.67 9.02
N ALA C 133 22.63 30.70 10.26
CA ALA C 133 24.06 30.78 10.49
C ALA C 133 24.76 29.55 9.92
N LEU C 134 24.15 28.39 10.11
CA LEU C 134 24.72 27.14 9.64
C LEU C 134 24.57 26.98 8.13
N GLY C 135 23.65 27.74 7.57
CA GLY C 135 23.40 27.65 6.14
C GLY C 135 22.33 26.62 5.82
N ALA C 136 21.67 26.12 6.86
CA ALA C 136 20.61 25.14 6.69
C ALA C 136 19.38 25.80 6.09
N LEU C 137 19.25 27.10 6.34
CA LEU C 137 18.13 27.89 5.84
C LEU C 137 18.69 29.05 5.05
N ARG C 138 17.92 29.54 4.08
CA ARG C 138 18.35 30.68 3.31
C ARG C 138 18.19 31.85 4.25
N SER C 139 19.05 32.84 4.12
CA SER C 139 18.98 34.01 4.99
C SER C 139 17.61 34.70 4.86
N ASN C 140 16.95 34.54 3.72
CA ASN C 140 15.65 35.19 3.47
C ASN C 140 14.42 34.30 3.71
N TYR C 141 14.63 33.11 4.24
CA TYR C 141 13.63 32.04 4.28
C TYR C 141 12.27 32.61 4.62
N GLU C 142 11.23 31.84 4.33
CA GLU C 142 9.85 32.25 4.59
C GLU C 142 9.13 31.33 5.58
N VAL C 143 8.40 31.93 6.52
CA VAL C 143 7.65 31.19 7.53
C VAL C 143 6.19 31.05 7.15
N LYS C 144 5.68 29.83 7.20
CA LYS C 144 4.29 29.52 6.92
C LYS C 144 3.70 28.96 8.21
N GLY C 145 2.39 29.04 8.37
CA GLY C 145 1.78 28.45 9.53
C GLY C 145 1.24 27.13 9.00
N HIS C 146 1.06 26.13 9.84
CA HIS C 146 0.59 24.84 9.34
C HIS C 146 -0.73 24.96 8.60
N ARG C 147 -1.67 25.77 9.12
CA ARG C 147 -2.96 25.93 8.47
C ARG C 147 -2.86 26.61 7.09
N ASP C 148 -1.75 27.28 6.83
CA ASP C 148 -1.58 27.95 5.54
C ASP C 148 -1.24 27.00 4.42
N VAL C 149 -0.86 25.77 4.73
CA VAL C 149 -0.49 24.83 3.67
C VAL C 149 -1.28 23.54 3.71
N GLN C 150 -2.10 23.35 4.74
CA GLN C 150 -2.90 22.15 4.86
C GLN C 150 -4.13 22.43 5.71
N PRO C 151 -5.20 21.65 5.52
CA PRO C 151 -6.38 21.92 6.34
C PRO C 151 -6.14 21.42 7.76
N THR C 152 -5.92 22.36 8.68
CA THR C 152 -5.71 22.04 10.07
C THR C 152 -5.97 23.28 10.92
N LEU C 153 -6.19 23.07 12.21
CA LEU C 153 -6.25 24.20 13.14
C LEU C 153 -4.83 24.61 13.51
N SER C 154 -3.90 23.66 13.40
CA SER C 154 -2.53 23.82 13.79
C SER C 154 -1.99 24.99 12.99
N PRO C 155 -1.19 25.87 13.57
CA PRO C 155 -0.57 25.79 14.91
C PRO C 155 -1.36 26.22 16.13
N GLY C 156 -2.65 26.47 15.97
CA GLY C 156 -3.43 26.95 17.10
C GLY C 156 -3.68 28.41 16.82
N ASP C 157 -4.83 28.93 17.25
CA ASP C 157 -5.17 30.32 16.97
C ASP C 157 -4.23 31.34 17.54
N ARG C 158 -3.97 31.24 18.83
CA ARG C 158 -3.11 32.21 19.47
C ARG C 158 -1.75 32.21 18.81
N LEU C 159 -1.11 31.04 18.81
CA LEU C 159 0.20 30.87 18.22
C LEU C 159 0.25 31.30 16.76
N TYR C 160 -0.83 31.05 16.02
CA TYR C 160 -0.90 31.43 14.61
C TYR C 160 -0.89 32.95 14.51
N GLU C 161 -1.62 33.55 15.43
CA GLU C 161 -1.74 34.99 15.52
C GLU C 161 -0.33 35.54 15.61
N ILE C 162 0.42 35.00 16.58
CA ILE C 162 1.78 35.41 16.82
C ILE C 162 2.66 35.28 15.58
N ILE C 163 2.78 34.11 14.99
CA ILE C 163 3.67 33.96 13.87
C ILE C 163 3.36 34.81 12.66
N GLN C 164 2.13 35.23 12.50
CA GLN C 164 1.75 36.10 11.37
C GLN C 164 2.50 37.44 11.39
N THR C 165 3.01 37.80 12.57
CA THR C 165 3.76 39.04 12.77
C THR C 165 5.25 38.95 12.48
N TRP C 166 5.79 37.74 12.48
CA TRP C 166 7.22 37.53 12.31
C TRP C 166 7.83 38.05 11.01
N SER C 167 8.99 38.68 11.15
CA SER C 167 9.72 39.26 10.04
C SER C 167 9.62 38.38 8.81
N HIS C 168 9.95 37.10 8.97
CA HIS C 168 9.94 36.20 7.83
C HIS C 168 8.63 35.53 7.45
N TYR C 169 7.54 35.91 8.10
CA TYR C 169 6.26 35.33 7.73
C TYR C 169 5.90 35.80 6.31
N ARG C 170 5.14 35.00 5.59
CA ARG C 170 4.64 35.44 4.32
C ARG C 170 3.23 34.93 4.05
N ALA C 171 2.32 35.81 3.67
CA ALA C 171 0.93 35.50 3.34
C ALA C 171 0.71 34.08 2.81
N GLU D 1 -32.35 -6.40 -9.20
CA GLU D 1 -31.52 -5.43 -8.47
C GLU D 1 -31.77 -4.00 -8.91
N ASP D 2 -32.63 -3.30 -8.17
CA ASP D 2 -32.88 -1.96 -8.63
C ASP D 2 -31.52 -1.34 -8.67
N PRO D 3 -31.24 -0.80 -9.82
CA PRO D 3 -29.89 -0.30 -10.15
C PRO D 3 -29.52 1.16 -9.84
N PRO D 4 -30.24 1.83 -8.82
CA PRO D 4 -29.61 3.06 -8.32
C PRO D 4 -29.24 2.60 -6.90
N ALA D 5 -30.30 2.19 -6.20
CA ALA D 5 -30.24 1.64 -4.85
C ALA D 5 -29.27 2.30 -3.87
N CYS D 6 -29.22 3.64 -3.89
CA CYS D 6 -28.51 4.41 -2.89
C CYS D 6 -28.88 5.90 -2.83
N GLY D 7 -28.64 6.48 -1.66
CA GLY D 7 -28.23 7.88 -1.42
C GLY D 7 -28.85 9.13 -2.07
N SER D 8 -29.32 10.06 -1.26
CA SER D 8 -29.76 11.36 -1.76
C SER D 8 -28.64 12.26 -1.30
N ILE D 9 -27.98 12.92 -2.24
CA ILE D 9 -26.73 13.57 -1.88
C ILE D 9 -26.78 14.98 -2.44
N VAL D 10 -26.67 16.00 -1.59
CA VAL D 10 -26.71 17.36 -2.10
C VAL D 10 -25.58 17.39 -3.10
N PRO D 11 -25.87 17.69 -4.37
CA PRO D 11 -24.78 17.71 -5.35
C PRO D 11 -24.06 19.06 -5.41
N ARG D 12 -22.88 19.08 -6.02
CA ARG D 12 -22.09 20.30 -6.14
C ARG D 12 -22.91 21.52 -6.56
N ARG D 13 -23.53 21.46 -7.73
CA ARG D 13 -24.31 22.58 -8.20
C ARG D 13 -25.29 22.99 -7.10
N GLU D 14 -25.95 22.04 -6.45
CA GLU D 14 -26.87 22.45 -5.42
C GLU D 14 -26.16 23.26 -4.38
N TRP D 15 -25.05 22.80 -3.84
CA TRP D 15 -24.40 23.54 -2.79
C TRP D 15 -23.62 24.70 -3.38
N ARG D 16 -23.68 24.85 -4.69
CA ARG D 16 -22.97 25.91 -5.37
C ARG D 16 -21.49 25.90 -5.20
N ALA D 17 -20.85 24.89 -5.74
CA ALA D 17 -19.43 24.69 -5.53
C ALA D 17 -18.66 25.11 -6.75
N LEU D 18 -17.44 25.60 -6.54
CA LEU D 18 -16.59 26.04 -7.63
C LEU D 18 -16.34 24.84 -8.52
N ALA D 19 -16.18 25.08 -9.81
CA ALA D 19 -15.91 23.99 -10.73
C ALA D 19 -14.64 23.34 -10.25
N SER D 20 -14.60 22.01 -10.28
CA SER D 20 -13.42 21.29 -9.84
C SER D 20 -12.41 21.23 -10.96
N GLU D 21 -11.14 21.15 -10.62
CA GLU D 21 -10.09 21.07 -11.62
C GLU D 21 -9.31 19.78 -11.49
N CYS D 22 -9.73 18.92 -10.57
CA CYS D 22 -9.02 17.67 -10.32
C CYS D 22 -9.24 16.64 -11.42
N ARG D 23 -8.14 15.99 -11.83
CA ARG D 23 -8.18 14.92 -12.81
C ARG D 23 -7.93 13.53 -12.22
N GLU D 24 -6.92 13.42 -11.36
CA GLU D 24 -6.53 12.13 -10.77
C GLU D 24 -7.72 11.33 -10.23
N ARG D 25 -7.80 10.06 -10.64
CA ARG D 25 -8.91 9.15 -10.27
C ARG D 25 -8.58 8.00 -9.36
N LEU D 26 -9.56 7.61 -8.55
CA LEU D 26 -9.41 6.48 -7.66
C LEU D 26 -9.71 5.27 -8.51
N THR D 27 -9.33 4.11 -8.01
CA THR D 27 -9.58 2.86 -8.70
C THR D 27 -10.66 2.16 -7.89
N ARG D 28 -11.76 1.75 -8.51
CA ARG D 28 -12.80 1.04 -7.75
C ARG D 28 -12.66 -0.47 -7.91
N PRO D 29 -13.10 -1.24 -6.90
CA PRO D 29 -13.67 -0.71 -5.67
C PRO D 29 -12.60 -0.32 -4.65
N VAL D 30 -12.86 0.78 -3.94
CA VAL D 30 -11.94 1.29 -2.92
C VAL D 30 -12.11 0.45 -1.65
N ARG D 31 -11.00 0.21 -0.94
CA ARG D 31 -11.02 -0.61 0.26
C ARG D 31 -11.09 0.17 1.56
N TYR D 32 -10.63 1.42 1.55
CA TYR D 32 -10.59 2.22 2.77
C TYR D 32 -11.40 3.52 2.81
N VAL D 33 -11.94 3.81 3.99
CA VAL D 33 -12.69 5.02 4.21
C VAL D 33 -12.02 5.69 5.40
N VAL D 34 -11.67 6.95 5.25
CA VAL D 34 -11.05 7.71 6.33
C VAL D 34 -12.02 8.77 6.83
N VAL D 35 -12.47 8.62 8.07
CA VAL D 35 -13.38 9.57 8.68
C VAL D 35 -12.61 10.70 9.32
N SER D 36 -13.04 11.91 9.03
CA SER D 36 -12.42 13.10 9.57
C SER D 36 -13.51 14.07 10.02
N HIS D 37 -13.09 15.23 10.51
CA HIS D 37 -14.04 16.26 10.86
C HIS D 37 -13.34 17.52 10.37
N THR D 38 -14.11 18.54 10.01
CA THR D 38 -13.54 19.78 9.52
C THR D 38 -12.85 20.57 10.63
N ALA D 39 -13.32 20.38 11.85
CA ALA D 39 -12.74 20.93 13.03
C ALA D 39 -13.21 22.33 13.15
N GLY D 40 -13.78 22.84 12.07
CA GLY D 40 -14.40 24.15 12.05
C GLY D 40 -15.79 24.12 12.70
N SER D 41 -16.64 25.08 12.35
CA SER D 41 -17.99 25.13 12.92
C SER D 41 -18.92 24.10 12.28
N HIS D 42 -20.12 23.97 12.85
CA HIS D 42 -21.10 23.01 12.32
C HIS D 42 -22.38 23.72 11.88
N CYS D 43 -23.32 22.95 11.35
CA CYS D 43 -24.51 23.50 10.69
C CYS D 43 -25.64 22.48 10.65
N ASP D 44 -26.86 22.91 10.99
CA ASP D 44 -28.02 22.00 11.09
C ASP D 44 -29.15 22.15 10.04
N THR D 45 -28.90 22.93 8.99
CA THR D 45 -29.93 23.33 8.02
C THR D 45 -29.29 23.22 6.64
N PRO D 46 -30.09 22.90 5.62
CA PRO D 46 -29.61 22.76 4.25
C PRO D 46 -28.88 23.97 3.71
N ALA D 47 -29.40 25.15 4.00
CA ALA D 47 -28.78 26.40 3.52
C ALA D 47 -27.55 26.75 4.35
N SER D 48 -27.57 26.39 5.62
CA SER D 48 -26.42 26.67 6.48
C SER D 48 -25.33 25.63 6.25
N CYS D 49 -25.71 24.38 5.99
CA CYS D 49 -24.71 23.36 5.75
C CYS D 49 -24.17 23.50 4.35
N ALA D 50 -24.99 24.05 3.46
CA ALA D 50 -24.58 24.25 2.08
C ALA D 50 -23.64 25.44 2.07
N GLN D 51 -23.72 26.21 3.15
CA GLN D 51 -22.90 27.40 3.32
C GLN D 51 -21.51 26.96 3.73
N GLN D 52 -21.45 26.15 4.76
CA GLN D 52 -20.17 25.66 5.26
C GLN D 52 -19.38 25.01 4.13
N ALA D 53 -20.03 24.08 3.44
CA ALA D 53 -19.41 23.36 2.33
C ALA D 53 -18.73 24.29 1.36
N GLN D 54 -19.40 25.39 1.06
CA GLN D 54 -18.87 26.38 0.14
C GLN D 54 -17.56 26.97 0.69
N ASN D 55 -17.51 27.19 2.01
CA ASN D 55 -16.35 27.77 2.70
C ASN D 55 -15.18 26.83 2.74
N VAL D 56 -15.42 25.63 3.26
CA VAL D 56 -14.40 24.62 3.32
C VAL D 56 -13.72 24.57 1.96
N GLN D 57 -14.52 24.49 0.91
CA GLN D 57 -13.97 24.43 -0.43
C GLN D 57 -13.15 25.67 -0.74
N SER D 58 -13.62 26.83 -0.29
CA SER D 58 -12.92 28.07 -0.55
C SER D 58 -11.54 27.98 0.07
N TYR D 59 -11.49 27.55 1.32
CA TYR D 59 -10.23 27.39 2.03
C TYR D 59 -9.26 26.54 1.17
N HIS D 60 -9.66 25.32 0.85
CA HIS D 60 -8.84 24.40 0.06
C HIS D 60 -8.48 24.87 -1.34
N VAL D 61 -9.36 25.63 -2.00
CA VAL D 61 -9.05 26.08 -3.35
C VAL D 61 -8.48 27.48 -3.37
N ARG D 62 -9.16 28.42 -2.69
CA ARG D 62 -8.71 29.82 -2.53
C ARG D 62 -7.43 30.10 -1.70
N ASN D 63 -7.32 29.49 -0.52
CA ASN D 63 -6.12 29.57 0.32
C ASN D 63 -4.99 28.60 0.02
N LEU D 64 -5.29 27.29 0.00
CA LEU D 64 -4.26 26.28 -0.24
C LEU D 64 -3.97 26.09 -1.71
N GLY D 65 -4.83 26.66 -2.56
CA GLY D 65 -4.65 26.54 -4.00
C GLY D 65 -4.82 25.14 -4.54
N TRP D 66 -5.81 24.42 -4.02
CA TRP D 66 -6.12 23.04 -4.44
C TRP D 66 -7.12 22.95 -5.57
N CYS D 67 -7.03 21.88 -6.36
CA CYS D 67 -7.93 21.70 -7.50
C CYS D 67 -9.42 21.65 -7.12
N ASP D 68 -9.72 21.21 -5.91
CA ASP D 68 -11.08 21.13 -5.39
C ASP D 68 -11.07 20.92 -3.87
N VAL D 69 -12.22 20.99 -3.22
CA VAL D 69 -12.24 20.72 -1.78
C VAL D 69 -11.72 19.30 -1.56
N GLY D 70 -10.87 19.14 -0.54
CA GLY D 70 -10.16 17.91 -0.31
C GLY D 70 -10.94 16.65 -0.02
N TYR D 71 -12.07 16.74 0.68
CA TYR D 71 -12.83 15.54 0.99
C TYR D 71 -13.60 15.06 -0.21
N ASN D 72 -14.01 13.79 -0.15
CA ASN D 72 -14.77 13.15 -1.20
C ASN D 72 -16.25 13.41 -0.96
N PHE D 73 -16.62 13.54 0.31
CA PHE D 73 -17.98 13.84 0.73
C PHE D 73 -17.89 14.50 2.08
N LEU D 74 -18.94 15.25 2.43
CA LEU D 74 -19.00 15.92 3.72
C LEU D 74 -20.36 15.59 4.33
N ILE D 75 -20.44 15.49 5.66
CA ILE D 75 -21.67 15.18 6.35
C ILE D 75 -22.10 16.38 7.20
N GLY D 76 -23.34 16.85 7.01
CA GLY D 76 -23.81 17.97 7.79
C GLY D 76 -24.62 17.42 8.94
N GLU D 77 -24.94 18.26 9.91
CA GLU D 77 -25.78 17.81 11.01
C GLU D 77 -27.21 18.10 10.51
N ASP D 78 -27.26 18.64 9.30
CA ASP D 78 -28.53 18.92 8.66
C ASP D 78 -29.03 17.59 8.12
N GLY D 79 -28.25 16.55 8.41
CA GLY D 79 -28.57 15.19 8.04
C GLY D 79 -28.36 14.83 6.59
N LEU D 80 -27.66 15.69 5.84
CA LEU D 80 -27.43 15.40 4.44
C LEU D 80 -25.98 15.15 4.12
N VAL D 81 -25.72 14.65 2.92
CA VAL D 81 -24.36 14.39 2.48
C VAL D 81 -24.10 15.35 1.37
N TYR D 82 -22.90 15.91 1.36
CA TYR D 82 -22.54 16.91 0.37
C TYR D 82 -21.49 16.42 -0.60
N GLU D 83 -21.83 16.43 -1.88
CA GLU D 83 -20.90 15.87 -2.84
C GLU D 83 -19.61 16.66 -2.73
N GLY D 84 -18.52 15.92 -2.65
CA GLY D 84 -17.19 16.49 -2.63
C GLY D 84 -16.52 16.10 -3.93
N ARG D 85 -15.39 15.40 -3.85
CA ARG D 85 -14.73 14.97 -5.08
C ARG D 85 -15.42 13.68 -5.53
N GLY D 86 -16.32 13.17 -4.70
CA GLY D 86 -17.10 11.98 -5.03
C GLY D 86 -16.37 10.65 -4.98
N TRP D 87 -17.04 9.62 -5.48
CA TRP D 87 -16.52 8.26 -5.49
C TRP D 87 -15.34 7.96 -6.42
N ASN D 88 -15.18 8.74 -7.50
CA ASN D 88 -14.14 8.43 -8.47
C ASN D 88 -12.89 9.31 -8.54
N ILE D 89 -12.82 10.35 -7.75
CA ILE D 89 -11.66 11.25 -7.79
C ILE D 89 -10.82 11.24 -6.53
N LYS D 90 -9.52 11.11 -6.69
CA LYS D 90 -8.58 11.07 -5.55
C LYS D 90 -8.65 12.36 -4.75
N GLY D 91 -8.93 12.23 -3.45
CA GLY D 91 -9.02 13.40 -2.60
C GLY D 91 -7.70 13.77 -1.97
N ALA D 92 -7.73 14.84 -1.19
CA ALA D 92 -6.56 15.32 -0.46
C ALA D 92 -6.95 15.52 0.99
N HIS D 93 -7.23 14.42 1.65
CA HIS D 93 -7.65 14.42 3.03
C HIS D 93 -6.86 13.57 4.03
N ALA D 94 -6.09 12.61 3.54
CA ALA D 94 -5.39 11.68 4.40
C ALA D 94 -3.90 11.44 4.17
N GLY D 95 -3.25 12.25 3.37
CA GLY D 95 -1.86 12.00 3.07
C GLY D 95 -1.67 11.29 1.74
N PRO D 96 -0.47 11.38 1.12
CA PRO D 96 -0.17 10.75 -0.16
C PRO D 96 -0.25 9.23 -0.20
N THR D 97 -0.21 8.62 0.97
CA THR D 97 -0.28 7.17 1.05
C THR D 97 -1.71 6.66 1.06
N TRP D 98 -2.59 7.29 1.83
CA TRP D 98 -3.99 6.87 1.89
C TRP D 98 -4.90 7.53 0.85
N ASN D 99 -4.62 8.78 0.49
CA ASN D 99 -5.44 9.48 -0.49
C ASN D 99 -5.75 8.65 -1.74
N PRO D 100 -4.72 8.03 -2.35
CA PRO D 100 -4.91 7.23 -3.57
C PRO D 100 -5.67 5.94 -3.39
N ILE D 101 -5.83 5.51 -2.13
CA ILE D 101 -6.51 4.25 -1.82
C ILE D 101 -7.81 4.37 -1.01
N SER D 102 -8.29 5.58 -0.77
CA SER D 102 -9.42 5.74 0.15
C SER D 102 -10.47 6.77 -0.27
N ILE D 103 -11.57 6.72 0.45
CA ILE D 103 -12.69 7.64 0.30
C ILE D 103 -12.70 8.39 1.63
N GLY D 104 -12.41 9.68 1.60
CA GLY D 104 -12.41 10.43 2.83
C GLY D 104 -13.68 11.22 3.07
N ILE D 105 -14.41 10.86 4.11
CA ILE D 105 -15.63 11.57 4.43
C ILE D 105 -15.43 12.45 5.66
N SER D 106 -15.79 13.72 5.54
CA SER D 106 -15.61 14.67 6.64
C SER D 106 -16.90 15.21 7.26
N PHE D 107 -17.06 15.05 8.58
CA PHE D 107 -18.24 15.58 9.27
C PHE D 107 -17.95 17.05 9.53
N MET D 108 -18.81 17.94 9.05
CA MET D 108 -18.57 19.37 9.27
C MET D 108 -18.82 19.78 10.72
N GLY D 109 -17.75 20.19 11.39
CA GLY D 109 -17.83 20.57 12.79
C GLY D 109 -16.59 20.07 13.53
N ASN D 110 -16.63 20.14 14.85
CA ASN D 110 -15.53 19.67 15.67
C ASN D 110 -16.13 18.77 16.72
N TYR D 111 -15.74 17.53 16.76
CA TYR D 111 -16.35 16.55 17.63
C TYR D 111 -15.42 16.07 18.71
N MET D 112 -14.61 16.96 19.26
CA MET D 112 -13.66 16.64 20.31
C MET D 112 -14.34 16.33 21.65
N ASN D 113 -15.31 17.16 21.94
CA ASN D 113 -16.11 17.04 23.13
C ASN D 113 -17.61 17.09 22.83
N ARG D 114 -17.91 17.10 21.55
CA ARG D 114 -19.27 17.20 21.00
C ARG D 114 -19.51 15.95 20.16
N VAL D 115 -20.76 15.68 19.79
CA VAL D 115 -21.04 14.52 18.95
C VAL D 115 -21.95 14.92 17.83
N PRO D 116 -21.89 14.18 16.71
CA PRO D 116 -22.77 14.49 15.59
C PRO D 116 -24.12 13.95 16.03
N PRO D 117 -25.20 14.57 15.56
CA PRO D 117 -26.53 14.08 15.96
C PRO D 117 -26.87 12.81 15.17
N PRO D 118 -27.76 11.96 15.71
CA PRO D 118 -28.15 10.72 15.03
C PRO D 118 -28.20 10.74 13.52
N ARG D 119 -28.88 11.73 12.94
CA ARG D 119 -29.03 11.81 11.49
C ARG D 119 -27.74 12.08 10.71
N ALA D 120 -26.69 12.56 11.37
CA ALA D 120 -25.44 12.79 10.68
C ALA D 120 -24.76 11.42 10.58
N LEU D 121 -24.97 10.61 11.61
CA LEU D 121 -24.39 9.28 11.68
C LEU D 121 -25.12 8.35 10.74
N ARG D 122 -26.39 8.61 10.49
CA ARG D 122 -27.15 7.79 9.55
C ARG D 122 -26.77 8.24 8.15
N ALA D 123 -26.67 9.54 7.96
CA ALA D 123 -26.30 10.05 6.66
C ALA D 123 -25.00 9.40 6.19
N ALA D 124 -24.03 9.28 7.10
CA ALA D 124 -22.71 8.72 6.80
C ALA D 124 -22.67 7.22 6.62
N GLN D 125 -23.33 6.49 7.52
CA GLN D 125 -23.36 5.05 7.38
C GLN D 125 -24.16 4.68 6.13
N ASN D 126 -25.22 5.43 5.88
CA ASN D 126 -26.06 5.21 4.72
C ASN D 126 -25.26 5.48 3.43
N LEU D 127 -24.39 6.49 3.47
CA LEU D 127 -23.54 6.85 2.34
C LEU D 127 -22.59 5.72 2.02
N LEU D 128 -22.11 5.05 3.06
CA LEU D 128 -21.18 3.94 2.87
C LEU D 128 -21.91 2.78 2.22
N ALA D 129 -23.07 2.42 2.74
CA ALA D 129 -23.83 1.33 2.12
C ALA D 129 -24.04 1.70 0.65
N CYS D 130 -24.23 2.99 0.38
CA CYS D 130 -24.46 3.43 -0.98
C CYS D 130 -23.24 3.08 -1.83
N GLY D 131 -22.07 3.22 -1.24
CA GLY D 131 -20.83 3.10 -1.96
C GLY D 131 -20.56 1.67 -2.23
N VAL D 132 -20.96 0.84 -1.30
CA VAL D 132 -20.88 -0.57 -1.45
C VAL D 132 -21.80 -0.99 -2.55
N ALA D 133 -23.04 -0.53 -2.50
CA ALA D 133 -24.03 -0.91 -3.49
C ALA D 133 -23.69 -0.43 -4.90
N LEU D 134 -22.89 0.63 -4.99
CA LEU D 134 -22.51 1.15 -6.31
C LEU D 134 -21.20 0.50 -6.72
N GLY D 135 -20.66 -0.30 -5.82
CA GLY D 135 -19.40 -0.94 -6.10
C GLY D 135 -18.28 0.08 -6.18
N ALA D 136 -18.41 1.16 -5.40
CA ALA D 136 -17.38 2.17 -5.33
C ALA D 136 -16.47 1.77 -4.16
N LEU D 137 -17.07 1.03 -3.23
CA LEU D 137 -16.35 0.54 -2.06
C LEU D 137 -16.37 -0.97 -2.04
N ARG D 138 -15.34 -1.58 -1.48
CA ARG D 138 -15.32 -3.02 -1.40
C ARG D 138 -16.41 -3.39 -0.40
N SER D 139 -17.00 -4.56 -0.56
CA SER D 139 -18.04 -4.98 0.36
C SER D 139 -17.50 -5.11 1.78
N ASN D 140 -16.21 -5.22 1.88
CA ASN D 140 -15.55 -5.34 3.16
C ASN D 140 -14.67 -4.14 3.53
N TYR D 141 -15.03 -2.97 3.08
CA TYR D 141 -14.16 -1.84 3.13
C TYR D 141 -13.85 -1.59 4.58
N GLU D 142 -12.79 -0.86 4.86
CA GLU D 142 -12.38 -0.66 6.24
C GLU D 142 -12.42 0.82 6.60
N VAL D 143 -12.88 1.13 7.80
CA VAL D 143 -12.96 2.51 8.23
C VAL D 143 -11.78 2.82 9.14
N LYS D 144 -11.16 3.97 8.90
CA LYS D 144 -10.05 4.41 9.71
C LYS D 144 -10.44 5.77 10.24
N GLY D 145 -10.01 6.06 11.46
CA GLY D 145 -10.23 7.38 12.00
C GLY D 145 -9.08 8.11 11.31
N HIS D 146 -9.19 9.41 11.13
CA HIS D 146 -8.13 10.19 10.51
C HIS D 146 -6.87 10.07 11.34
N ARG D 147 -6.99 10.29 12.65
CA ARG D 147 -5.86 10.23 13.56
C ARG D 147 -5.12 8.88 13.49
N ASP D 148 -5.74 7.87 12.87
CA ASP D 148 -5.09 6.57 12.74
C ASP D 148 -4.12 6.53 11.56
N VAL D 149 -4.06 7.62 10.78
CA VAL D 149 -3.19 7.63 9.61
C VAL D 149 -2.45 8.93 9.36
N GLN D 150 -2.88 10.01 9.99
CA GLN D 150 -2.21 11.28 9.90
C GLN D 150 -2.13 11.68 11.35
N PRO D 151 -1.21 12.59 11.69
CA PRO D 151 -1.16 13.02 13.09
C PRO D 151 -2.14 14.20 13.14
N THR D 152 -3.22 14.02 13.88
CA THR D 152 -4.28 14.98 13.94
C THR D 152 -5.20 14.57 15.08
N LEU D 153 -6.05 15.47 15.56
CA LEU D 153 -7.04 15.11 16.57
C LEU D 153 -8.25 14.58 15.82
N SER D 154 -8.38 15.00 14.57
CA SER D 154 -9.46 14.57 13.71
C SER D 154 -9.65 13.07 13.83
N PRO D 155 -10.91 12.60 13.87
CA PRO D 155 -12.17 13.34 13.81
C PRO D 155 -12.79 13.74 15.16
N GLY D 156 -11.98 13.84 16.21
CA GLY D 156 -12.50 14.21 17.54
C GLY D 156 -12.77 13.02 18.43
N ASP D 157 -12.39 13.13 19.71
CA ASP D 157 -12.57 12.05 20.68
C ASP D 157 -13.93 11.39 20.57
N ARG D 158 -14.97 12.19 20.73
CA ARG D 158 -16.32 11.68 20.70
C ARG D 158 -16.64 10.92 19.42
N LEU D 159 -16.39 11.53 18.27
CA LEU D 159 -16.66 10.88 16.98
C LEU D 159 -15.76 9.67 16.74
N TYR D 160 -14.48 9.79 17.13
CA TYR D 160 -13.53 8.70 16.99
C TYR D 160 -14.05 7.56 17.86
N GLU D 161 -14.56 7.94 19.03
CA GLU D 161 -15.11 7.01 20.00
C GLU D 161 -16.18 6.20 19.29
N ILE D 162 -17.04 6.88 18.54
CA ILE D 162 -18.14 6.28 17.81
C ILE D 162 -17.73 5.38 16.64
N ILE D 163 -16.95 5.89 15.67
CA ILE D 163 -16.61 5.05 14.53
C ILE D 163 -15.92 3.75 14.90
N GLN D 164 -15.26 3.72 16.04
CA GLN D 164 -14.58 2.50 16.48
C GLN D 164 -15.55 1.35 16.70
N THR D 165 -16.82 1.66 16.98
CA THR D 165 -17.83 0.63 17.18
C THR D 165 -18.33 0.09 15.86
N TRP D 166 -18.06 0.83 14.79
CA TRP D 166 -18.51 0.47 13.45
C TRP D 166 -18.00 -0.84 12.91
N SER D 167 -18.94 -1.58 12.33
CA SER D 167 -18.73 -2.87 11.70
C SER D 167 -17.47 -2.93 10.85
N HIS D 168 -17.20 -1.88 10.09
CA HIS D 168 -16.03 -1.91 9.24
C HIS D 168 -14.81 -1.17 9.78
N TYR D 169 -14.83 -0.80 11.06
CA TYR D 169 -13.65 -0.15 11.61
C TYR D 169 -12.55 -1.19 11.80
N ARG D 170 -11.38 -0.92 11.24
CA ARG D 170 -10.22 -1.79 11.35
C ARG D 170 -9.17 -0.79 11.85
N ALA D 171 -8.89 -0.87 13.15
CA ALA D 171 -7.98 0.04 13.88
C ALA D 171 -6.62 0.34 13.23
#